data_4F97
#
_entry.id   4F97
#
_cell.length_a   47.959
_cell.length_b   120.714
_cell.length_c   84.236
_cell.angle_alpha   90.00
_cell.angle_beta   91.63
_cell.angle_gamma   90.00
#
_symmetry.space_group_name_H-M   'P 1 21 1'
#
loop_
_entity.id
_entity.type
_entity.pdbx_description
1 polymer VldE
2 non-polymer "GUANOSINE-5'-DIPHOSPHATE"
3 non-polymer '[(1R,2R,3S,4S,5S)-2,3,4-TRIHYDROXY-5-{[(1S,4R,5S,6S)-4,5,6-TRIHYDROXY-3-(HYDROXYMETHYL)CYCLOHEX-2-EN-1-YL]AMINO}CYCLOHEXYL]METHYL DIHYDROGEN PHOSPHATE'
4 non-polymer 1,2-ETHANEDIOL
5 non-polymer 'CHLORIDE ION'
6 water water
#
_entity_poly.entity_id   1
_entity_poly.type   'polypeptide(L)'
_entity_poly.pdbx_seq_one_letter_code
;MTGSEIFLASKRAAITYDTDPATGEPRAWLAPGGTGNVVAEQAGVLNISWIASADSEDDRRASALNPDGVTMELHSGREI
LVRLIRHDPAVFRNVQNFMTANLMWAANNYGWDRWTQPSFGSDAREGWADFGRFTRDFADAILKSSAQSADPVYLVHDYQ
LVGVPALLREQRPDAPILLFVHIPWPSADYWRILPKEIRTGILHGMLPATTIGFFADRWCRNFLESVADLLPDARIDREA
MTVEWRGHRTRLRTMPLGYSPLTLDGRNPQLPEGIEEWADGHRLVVHSGRTDPIKNAERAVRAFVLAARGGGLEKTRMLV
RMNPNRLYVPANADYVHRVETAVAEANAELGSDTVRIDNDNDVNHTIACFRRADLLIFNSTVDGQNLSTFEAPLVNERDA
DVILSETCGAAEVLGEYCRSVNPFDLVEQAEAISAALAAGPRQRAEAAARRRDAARPWTLEAWVQAQLDGLAADHAARTA
TAERFDTAPAVSTRADL
;
_entity_poly.pdbx_strand_id   A,B
#
# COMPACT_ATOMS: atom_id res chain seq x y z
N GLY A 3 -6.73 29.47 -33.73
CA GLY A 3 -7.66 29.64 -32.62
C GLY A 3 -8.35 28.34 -32.20
N SER A 4 -7.77 27.65 -31.23
CA SER A 4 -8.32 26.38 -30.75
C SER A 4 -9.63 26.56 -29.98
N GLU A 5 -10.57 25.66 -30.22
CA GLU A 5 -11.83 25.67 -29.46
C GLU A 5 -11.71 24.66 -28.34
N ILE A 6 -11.76 25.17 -27.11
CA ILE A 6 -11.43 24.34 -25.94
C ILE A 6 -12.70 23.88 -25.26
N PHE A 7 -12.70 22.62 -24.83
CA PHE A 7 -13.82 22.12 -24.04
C PHE A 7 -13.34 21.54 -22.71
N LEU A 8 -13.61 22.28 -21.63
CA LEU A 8 -13.15 21.90 -20.30
C LEU A 8 -14.26 21.17 -19.57
N ALA A 9 -13.90 20.05 -18.92
CA ALA A 9 -14.85 19.33 -18.07
C ALA A 9 -14.26 19.08 -16.68
N SER A 10 -15.11 19.24 -15.67
CA SER A 10 -14.77 18.93 -14.29
C SER A 10 -16.05 18.72 -13.51
N LYS A 11 -15.96 18.00 -12.39
CA LYS A 11 -17.14 17.71 -11.59
C LYS A 11 -17.86 18.98 -11.17
N ARG A 12 -17.13 19.92 -10.62
CA ARG A 12 -17.71 21.15 -10.12
C ARG A 12 -17.23 22.36 -10.91
N ALA A 13 -18.13 23.30 -11.14
CA ALA A 13 -17.79 24.56 -11.78
C ALA A 13 -18.13 25.68 -10.81
N ALA A 14 -17.10 26.32 -10.26
CA ALA A 14 -17.32 27.30 -9.22
C ALA A 14 -18.20 28.47 -9.68
N ILE A 15 -19.44 28.49 -9.19
CA ILE A 15 -20.39 29.53 -9.56
C ILE A 15 -20.94 30.21 -8.32
N THR A 16 -21.13 31.51 -8.42
CA THR A 16 -21.69 32.29 -7.32
C THR A 16 -23.12 32.71 -7.67
N TYR A 17 -24.06 32.35 -6.81
CA TYR A 17 -25.45 32.74 -6.99
C TYR A 17 -25.89 33.73 -5.92
N ASP A 18 -26.32 34.91 -6.36
CA ASP A 18 -26.77 35.95 -5.43
C ASP A 18 -27.67 36.92 -6.16
N THR A 19 -28.10 37.96 -5.43
CA THR A 19 -28.91 39.01 -6.00
C THR A 19 -28.10 40.30 -6.03
N ASP A 20 -28.16 41.01 -7.14
CA ASP A 20 -27.59 42.35 -7.20
C ASP A 20 -28.04 43.15 -5.98
N PRO A 21 -27.08 43.79 -5.29
CA PRO A 21 -27.40 44.60 -4.11
C PRO A 21 -28.15 45.89 -4.43
N ALA A 22 -28.08 46.36 -5.66
CA ALA A 22 -28.81 47.58 -6.05
C ALA A 22 -30.21 47.28 -6.60
N THR A 23 -30.28 46.33 -7.53
CA THR A 23 -31.54 45.98 -8.20
C THR A 23 -32.29 44.80 -7.56
N GLY A 24 -31.58 43.98 -6.79
CA GLY A 24 -32.17 42.79 -6.22
C GLY A 24 -32.31 41.67 -7.23
N GLU A 25 -31.93 41.93 -8.48
CA GLU A 25 -31.97 40.91 -9.53
C GLU A 25 -31.01 39.75 -9.26
N PRO A 26 -31.42 38.52 -9.59
CA PRO A 26 -30.61 37.33 -9.35
C PRO A 26 -29.34 37.31 -10.21
N ARG A 27 -28.22 36.98 -9.59
CA ARG A 27 -26.93 36.98 -10.29
C ARG A 27 -26.24 35.64 -10.19
N ALA A 28 -25.72 35.20 -11.33
CA ALA A 28 -24.84 34.04 -11.37
C ALA A 28 -23.55 34.46 -12.07
N TRP A 29 -22.44 34.36 -11.35
CA TRP A 29 -21.17 34.76 -11.93
C TRP A 29 -20.10 33.78 -11.58
N LEU A 30 -19.21 33.56 -12.54
CA LEU A 30 -18.08 32.65 -12.32
C LEU A 30 -17.11 33.20 -11.27
N ALA A 31 -16.62 32.31 -10.41
CA ALA A 31 -15.60 32.66 -9.44
C ALA A 31 -14.28 32.98 -10.13
N PRO A 32 -13.63 34.06 -9.70
CA PRO A 32 -12.35 34.48 -10.27
C PRO A 32 -11.22 33.53 -9.93
N GLY A 33 -10.24 33.43 -10.81
CA GLY A 33 -9.10 32.55 -10.59
C GLY A 33 -9.38 31.11 -10.95
N GLY A 34 -10.55 30.87 -11.56
CA GLY A 34 -10.93 29.54 -11.96
C GLY A 34 -10.08 29.03 -13.11
N THR A 35 -10.00 27.72 -13.26
CA THR A 35 -9.21 27.14 -14.33
C THR A 35 -9.76 27.56 -15.68
N GLY A 36 -11.09 27.58 -15.80
CA GLY A 36 -11.73 27.97 -17.03
C GLY A 36 -11.41 29.41 -17.38
N ASN A 37 -11.43 30.28 -16.37
CA ASN A 37 -11.11 31.67 -16.58
C ASN A 37 -9.69 31.85 -17.08
N VAL A 38 -8.76 31.11 -16.47
CA VAL A 38 -7.36 31.15 -16.87
C VAL A 38 -7.13 30.64 -18.29
N VAL A 39 -7.83 29.56 -18.65
CA VAL A 39 -7.67 28.97 -19.97
C VAL A 39 -8.09 29.94 -21.06
N ALA A 40 -9.16 30.68 -20.79
CA ALA A 40 -9.72 31.63 -21.74
C ALA A 40 -8.74 32.75 -22.06
N GLU A 41 -7.79 33.00 -21.16
CA GLU A 41 -6.82 34.07 -21.35
C GLU A 41 -5.60 33.71 -22.20
N GLN A 42 -5.38 32.42 -22.45
CA GLN A 42 -4.24 32.01 -23.28
C GLN A 42 -4.41 32.48 -24.71
N ALA A 43 -3.29 32.81 -25.35
CA ALA A 43 -3.31 33.41 -26.68
C ALA A 43 -3.87 32.45 -27.72
N GLY A 44 -3.51 31.18 -27.62
CA GLY A 44 -3.99 30.19 -28.58
C GLY A 44 -5.50 30.05 -28.63
N VAL A 45 -6.14 30.16 -27.46
CA VAL A 45 -7.58 29.90 -27.31
C VAL A 45 -8.50 30.90 -28.03
N LEU A 46 -9.32 30.39 -28.94
CA LEU A 46 -10.33 31.18 -29.64
C LEU A 46 -11.56 31.33 -28.75
N ASN A 47 -12.01 30.19 -28.22
CA ASN A 47 -13.15 30.18 -27.30
C ASN A 47 -13.15 28.95 -26.41
N ILE A 48 -13.92 29.00 -25.34
CA ILE A 48 -13.97 27.91 -24.41
C ILE A 48 -15.38 27.66 -23.87
N SER A 49 -15.74 26.38 -23.78
CA SER A 49 -16.92 25.95 -23.01
C SER A 49 -16.50 25.11 -21.78
N TRP A 50 -17.28 25.22 -20.70
CA TRP A 50 -17.04 24.48 -19.47
C TRP A 50 -18.25 23.61 -19.08
N ILE A 51 -18.06 22.29 -19.04
CA ILE A 51 -19.10 21.36 -18.62
C ILE A 51 -18.81 20.80 -17.23
N ALA A 52 -19.79 20.92 -16.32
CA ALA A 52 -19.65 20.43 -14.94
C ALA A 52 -20.98 19.87 -14.42
N SER A 53 -20.98 19.40 -13.17
CA SER A 53 -22.15 18.75 -12.57
C SER A 53 -22.97 19.78 -11.81
N ALA A 54 -24.29 19.70 -11.92
CA ALA A 54 -25.13 20.46 -10.99
C ALA A 54 -25.27 19.74 -9.65
N ASP A 55 -24.78 20.35 -8.58
CA ASP A 55 -24.83 19.71 -7.26
C ASP A 55 -25.61 20.59 -6.25
N SER A 56 -26.09 21.74 -6.72
CA SER A 56 -26.97 22.56 -5.90
C SER A 56 -28.32 22.80 -6.59
N GLU A 57 -29.29 23.24 -5.81
CA GLU A 57 -30.59 23.60 -6.33
C GLU A 57 -30.45 24.75 -7.32
N ASP A 58 -29.59 25.71 -7.00
CA ASP A 58 -29.32 26.81 -7.92
C ASP A 58 -28.77 26.30 -9.24
N ASP A 59 -27.86 25.33 -9.16
CA ASP A 59 -27.21 24.79 -10.36
C ASP A 59 -28.29 24.18 -11.20
N ARG A 60 -29.17 23.47 -10.52
CA ARG A 60 -30.25 22.75 -11.18
C ARG A 60 -31.18 23.69 -11.95
N ARG A 61 -31.64 24.74 -11.29
CA ARG A 61 -32.55 25.68 -11.93
C ARG A 61 -31.87 26.32 -13.13
N ALA A 62 -30.59 26.66 -12.98
CA ALA A 62 -29.85 27.27 -14.05
C ALA A 62 -29.74 26.36 -15.27
N SER A 63 -29.51 25.07 -15.02
CA SER A 63 -29.40 24.10 -16.09
C SER A 63 -30.71 23.97 -16.88
N ALA A 64 -31.81 23.91 -16.15
CA ALA A 64 -33.13 23.78 -16.76
C ALA A 64 -33.46 25.00 -17.62
N LEU A 65 -33.01 26.17 -17.17
CA LEU A 65 -33.26 27.40 -17.88
C LEU A 65 -32.34 27.57 -19.08
N ASN A 66 -31.12 27.06 -18.96
CA ASN A 66 -30.16 27.12 -20.06
C ASN A 66 -29.47 25.79 -20.29
N PRO A 67 -30.22 24.84 -20.84
CA PRO A 67 -29.73 23.48 -21.08
C PRO A 67 -28.58 23.43 -22.07
N ASP A 68 -28.68 24.18 -23.16
CA ASP A 68 -27.62 24.21 -24.16
C ASP A 68 -26.36 24.76 -23.53
N GLY A 69 -26.54 25.77 -22.69
CA GLY A 69 -25.46 26.32 -21.89
C GLY A 69 -25.75 27.77 -21.57
N VAL A 70 -24.88 28.36 -20.75
CA VAL A 70 -25.04 29.76 -20.38
C VAL A 70 -23.75 30.50 -20.64
N THR A 71 -23.84 31.65 -21.31
CA THR A 71 -22.65 32.45 -21.57
C THR A 71 -22.34 33.35 -20.38
N MET A 72 -21.50 32.84 -19.49
CA MET A 72 -21.09 33.59 -18.31
C MET A 72 -20.00 34.58 -18.72
N GLU A 73 -20.04 35.78 -18.15
CA GLU A 73 -19.00 36.82 -18.57
C GLU A 73 -17.61 36.96 -17.86
N LEU A 74 -16.50 37.26 -18.58
CA LEU A 74 -15.26 37.45 -17.84
C LEU A 74 -14.71 38.84 -18.16
N HIS A 75 -13.70 39.27 -17.41
CA HIS A 75 -13.11 40.56 -17.67
C HIS A 75 -12.45 40.54 -19.00
N SER A 76 -12.07 41.72 -19.47
CA SER A 76 -11.41 41.84 -20.77
C SER A 76 -12.36 41.33 -21.85
N GLY A 77 -13.65 41.33 -21.54
CA GLY A 77 -14.65 40.96 -22.52
C GLY A 77 -14.42 39.57 -23.05
N ARG A 78 -13.97 38.68 -22.17
CA ARG A 78 -13.79 37.29 -22.51
C ARG A 78 -14.90 36.51 -21.85
N GLU A 79 -15.61 35.73 -22.64
CA GLU A 79 -16.78 35.02 -22.15
C GLU A 79 -16.57 33.52 -22.17
N ILE A 80 -16.90 32.86 -21.07
CA ILE A 80 -16.82 31.41 -20.99
C ILE A 80 -18.21 30.83 -20.95
N LEU A 81 -18.48 29.91 -21.87
CA LEU A 81 -19.76 29.20 -21.89
C LEU A 81 -19.80 28.10 -20.83
N VAL A 82 -20.79 28.17 -19.96
CA VAL A 82 -20.90 27.23 -18.83
C VAL A 82 -22.16 26.38 -18.93
N ARG A 83 -21.96 25.07 -19.05
CA ARG A 83 -23.06 24.12 -19.17
C ARG A 83 -23.09 23.15 -17.99
N LEU A 84 -24.10 23.28 -17.13
CA LEU A 84 -24.28 22.38 -15.99
C LEU A 84 -25.10 21.12 -16.34
N ILE A 85 -24.65 19.98 -15.85
CA ILE A 85 -25.34 18.71 -16.13
C ILE A 85 -26.27 18.33 -15.01
N ARG A 86 -27.51 18.05 -15.38
CA ARG A 86 -28.45 17.51 -14.41
C ARG A 86 -28.46 15.99 -14.51
N HIS A 87 -27.72 15.35 -13.62
CA HIS A 87 -27.69 13.91 -13.53
C HIS A 87 -28.96 13.45 -12.83
N ASP A 88 -29.32 12.19 -13.03
CA ASP A 88 -30.34 11.57 -12.19
C ASP A 88 -29.86 11.65 -10.74
N PRO A 89 -30.70 12.17 -9.84
CA PRO A 89 -30.30 12.43 -8.46
C PRO A 89 -29.86 11.20 -7.71
N ALA A 90 -30.50 10.06 -7.94
CA ALA A 90 -30.11 8.85 -7.20
C ALA A 90 -28.71 8.43 -7.64
N VAL A 91 -28.48 8.49 -8.95
CA VAL A 91 -27.21 8.11 -9.53
C VAL A 91 -26.11 9.06 -9.06
N PHE A 92 -26.39 10.36 -9.16
CA PHE A 92 -25.47 11.36 -8.70
C PHE A 92 -24.99 11.15 -7.26
N ARG A 93 -25.93 10.97 -6.31
CA ARG A 93 -25.54 10.72 -4.92
C ARG A 93 -24.76 9.47 -4.67
N ASN A 94 -25.09 8.39 -5.38
CA ASN A 94 -24.34 7.19 -5.18
C ASN A 94 -22.92 7.42 -5.69
N VAL A 95 -22.80 8.03 -6.88
CA VAL A 95 -21.49 8.34 -7.43
C VAL A 95 -20.67 9.19 -6.47
N GLN A 96 -21.31 10.20 -5.85
CA GLN A 96 -20.66 10.92 -4.75
C GLN A 96 -20.13 10.02 -3.63
N ASN A 97 -20.92 9.05 -3.21
CA ASN A 97 -20.49 8.01 -2.28
C ASN A 97 -19.37 7.16 -2.87
N PHE A 98 -19.37 6.85 -4.16
CA PHE A 98 -18.28 6.01 -4.75
C PHE A 98 -16.86 6.63 -4.69
N MET A 99 -16.84 7.82 -5.11
CA MET A 99 -15.89 8.94 -5.03
C MET A 99 -15.64 9.46 -3.61
N THR A 100 -16.43 9.08 -2.60
CA THR A 100 -16.09 9.31 -1.14
C THR A 100 -15.09 8.32 -0.43
N ALA A 101 -14.56 8.59 0.78
CA ALA A 101 -13.56 7.68 1.29
C ALA A 101 -14.13 6.28 1.35
N ASN A 102 -15.44 6.20 1.20
CA ASN A 102 -16.14 4.93 1.27
C ASN A 102 -15.57 4.04 0.20
N LEU A 103 -15.24 4.63 -0.95
CA LEU A 103 -14.55 3.87 -2.01
C LEU A 103 -13.31 4.45 -2.76
N MET A 104 -13.52 5.25 -3.82
CA MET A 104 -12.43 5.67 -4.67
C MET A 104 -11.40 6.54 -3.94
N TRP A 105 -11.84 7.34 -2.99
CA TRP A 105 -10.86 8.16 -2.23
C TRP A 105 -9.89 7.27 -1.45
N ALA A 106 -10.40 6.24 -0.77
CA ALA A 106 -9.55 5.28 -0.05
C ALA A 106 -8.61 4.56 -1.02
N ALA A 107 -9.08 4.38 -2.24
CA ALA A 107 -8.28 3.68 -3.25
C ALA A 107 -7.08 4.47 -3.81
N ASN A 108 -7.22 5.78 -4.02
CA ASN A 108 -6.13 6.57 -4.61
C ASN A 108 -5.35 7.24 -3.51
N ASN A 109 -5.91 7.31 -2.28
CA ASN A 109 -5.25 8.05 -1.21
C ASN A 109 -4.87 7.16 -0.04
N TYR A 110 -4.71 5.87 -0.31
CA TYR A 110 -4.16 4.95 0.63
C TYR A 110 -4.81 4.95 2.02
N GLY A 111 -6.08 4.59 2.09
CA GLY A 111 -6.74 4.54 3.38
C GLY A 111 -7.03 3.11 3.83
N TRP A 112 -6.61 2.08 3.12
CA TRP A 112 -7.05 0.71 3.47
C TRP A 112 -5.95 -0.15 4.04
N ASP A 113 -6.23 -0.85 5.13
CA ASP A 113 -5.22 -1.66 5.79
C ASP A 113 -5.07 -3.07 5.18
N ARG A 114 -6.00 -3.43 4.31
CA ARG A 114 -5.96 -4.73 3.65
C ARG A 114 -6.36 -5.88 4.57
N TRP A 115 -5.79 -5.92 5.77
CA TRP A 115 -6.11 -6.96 6.72
C TRP A 115 -7.57 -6.97 7.11
N THR A 116 -8.15 -5.79 7.29
CA THR A 116 -9.56 -5.72 7.71
C THR A 116 -10.49 -4.96 6.78
N GLN A 117 -9.90 -4.10 5.98
CA GLN A 117 -10.63 -3.35 4.97
C GLN A 117 -9.82 -3.36 3.69
N PRO A 118 -10.49 -3.29 2.56
CA PRO A 118 -11.96 -3.25 2.47
C PRO A 118 -12.55 -4.64 2.19
N SER A 119 -13.87 -4.75 2.13
CA SER A 119 -14.52 -5.99 1.72
C SER A 119 -15.64 -5.59 0.76
N PHE A 120 -15.38 -5.74 -0.54
CA PHE A 120 -16.29 -5.28 -1.57
C PHE A 120 -17.51 -6.18 -1.69
N GLY A 121 -18.69 -5.58 -1.70
CA GLY A 121 -19.93 -6.33 -1.84
C GLY A 121 -20.69 -5.92 -3.08
N SER A 122 -21.98 -6.25 -3.12
CA SER A 122 -22.84 -5.84 -4.20
C SER A 122 -22.92 -4.32 -4.23
N ASP A 123 -22.56 -3.70 -3.12
CA ASP A 123 -22.58 -2.24 -3.04
C ASP A 123 -21.56 -1.65 -3.99
N ALA A 124 -20.48 -2.38 -4.23
CA ALA A 124 -19.45 -1.92 -5.16
C ALA A 124 -19.85 -2.10 -6.62
N ARG A 125 -20.53 -3.22 -6.92
CA ARG A 125 -21.01 -3.46 -8.27
C ARG A 125 -22.03 -2.39 -8.74
N GLU A 126 -22.93 -2.02 -7.84
CA GLU A 126 -23.94 -1.00 -8.07
C GLU A 126 -23.32 0.38 -8.19
N GLY A 127 -22.33 0.65 -7.31
CA GLY A 127 -21.55 1.88 -7.39
C GLY A 127 -20.86 2.04 -8.72
N TRP A 128 -20.28 0.95 -9.23
CA TRP A 128 -19.64 0.96 -10.53
C TRP A 128 -20.64 1.18 -11.66
N ALA A 129 -21.82 0.55 -11.56
CA ALA A 129 -22.85 0.70 -12.60
C ALA A 129 -23.27 2.16 -12.64
N ASP A 130 -23.50 2.73 -11.46
CA ASP A 130 -23.85 4.13 -11.37
C ASP A 130 -22.75 4.98 -11.94
N PHE A 131 -21.49 4.60 -11.69
CA PHE A 131 -20.36 5.37 -12.21
C PHE A 131 -20.33 5.37 -13.76
N GLY A 132 -20.61 4.24 -14.40
CA GLY A 132 -20.78 4.25 -15.84
C GLY A 132 -21.85 5.24 -16.33
N ARG A 133 -23.01 5.27 -15.67
CA ARG A 133 -24.10 6.14 -16.07
C ARG A 133 -23.68 7.62 -15.93
N PHE A 134 -23.06 7.98 -14.82
CA PHE A 134 -22.54 9.34 -14.59
C PHE A 134 -21.49 9.72 -15.65
N THR A 135 -20.64 8.75 -15.99
CA THR A 135 -19.61 8.97 -17.02
C THR A 135 -20.24 9.20 -18.40
N ARG A 136 -21.29 8.44 -18.70
CA ARG A 136 -22.00 8.60 -19.96
C ARG A 136 -22.72 9.95 -20.08
N ASP A 137 -23.22 10.46 -18.96
CA ASP A 137 -23.84 11.79 -18.95
C ASP A 137 -22.79 12.83 -19.33
N PHE A 138 -21.62 12.72 -18.70
CA PHE A 138 -20.57 13.69 -18.96
C PHE A 138 -20.14 13.65 -20.43
N ALA A 139 -19.88 12.44 -20.93
CA ALA A 139 -19.44 12.32 -22.29
C ALA A 139 -20.48 12.93 -23.26
N ASP A 140 -21.76 12.62 -23.04
CA ASP A 140 -22.84 13.11 -23.92
C ASP A 140 -22.92 14.64 -23.89
N ALA A 141 -22.95 15.21 -22.70
CA ALA A 141 -22.96 16.66 -22.55
C ALA A 141 -21.75 17.27 -23.23
N ILE A 142 -20.58 16.63 -23.10
CA ILE A 142 -19.35 17.19 -23.66
C ILE A 142 -19.37 17.16 -25.19
N LEU A 143 -19.75 16.03 -25.75
CA LEU A 143 -19.83 15.87 -27.20
C LEU A 143 -20.89 16.80 -27.80
N LYS A 144 -22.08 16.80 -27.23
CA LYS A 144 -23.13 17.69 -27.68
C LYS A 144 -22.61 19.12 -27.73
N SER A 145 -21.99 19.53 -26.63
CA SER A 145 -21.49 20.89 -26.50
C SER A 145 -20.45 21.21 -27.54
N SER A 146 -19.80 20.17 -28.07
CA SER A 146 -18.75 20.36 -29.06
C SER A 146 -19.15 19.93 -30.48
N ALA A 147 -20.43 19.65 -30.70
CA ALA A 147 -20.89 19.09 -31.99
C ALA A 147 -20.55 19.94 -33.22
N GLN A 148 -20.58 21.26 -33.08
CA GLN A 148 -20.36 22.14 -34.21
C GLN A 148 -18.87 22.27 -34.51
N SER A 149 -18.06 22.07 -33.48
CA SER A 149 -16.61 22.31 -33.54
C SER A 149 -15.88 21.31 -34.44
N ALA A 150 -15.05 21.85 -35.34
CA ALA A 150 -14.34 21.02 -36.32
C ALA A 150 -13.16 20.32 -35.67
N ASP A 151 -12.49 21.01 -34.75
CA ASP A 151 -11.33 20.45 -34.09
C ASP A 151 -11.31 20.75 -32.59
N PRO A 152 -12.26 20.15 -31.88
CA PRO A 152 -12.41 20.36 -30.44
C PRO A 152 -11.20 19.85 -29.65
N VAL A 153 -10.74 20.66 -28.72
CA VAL A 153 -9.68 20.26 -27.80
C VAL A 153 -10.33 19.94 -26.46
N TYR A 154 -10.16 18.70 -25.99
CA TYR A 154 -10.77 18.26 -24.74
C TYR A 154 -9.80 18.21 -23.54
N LEU A 155 -10.13 18.96 -22.50
CA LEU A 155 -9.38 18.95 -21.25
C LEU A 155 -10.30 18.42 -20.14
N VAL A 156 -10.06 17.19 -19.71
CA VAL A 156 -10.91 16.51 -18.74
C VAL A 156 -10.21 16.52 -17.37
N HIS A 157 -10.82 17.13 -16.37
CA HIS A 157 -10.16 17.31 -15.09
C HIS A 157 -10.69 16.51 -13.93
N ASP A 158 -9.75 15.80 -13.29
CA ASP A 158 -9.94 15.09 -12.02
C ASP A 158 -10.51 13.68 -12.11
N TYR A 159 -10.43 12.96 -10.99
CA TYR A 159 -10.71 11.53 -10.94
C TYR A 159 -12.14 11.13 -11.27
N GLN A 160 -13.11 11.94 -10.86
CA GLN A 160 -14.51 11.63 -11.11
C GLN A 160 -14.78 11.42 -12.60
N LEU A 161 -13.94 12.04 -13.44
CA LEU A 161 -14.09 11.93 -14.90
C LEU A 161 -13.13 10.94 -15.57
N VAL A 162 -12.50 10.09 -14.79
CA VAL A 162 -11.57 9.10 -15.36
C VAL A 162 -12.15 8.30 -16.50
N GLY A 163 -13.45 8.04 -16.47
CA GLY A 163 -14.06 7.20 -17.50
C GLY A 163 -14.32 7.91 -18.83
N VAL A 164 -14.28 9.24 -18.80
CA VAL A 164 -14.73 10.08 -19.91
C VAL A 164 -13.89 9.94 -21.19
N PRO A 165 -12.55 9.92 -21.06
CA PRO A 165 -11.75 9.88 -22.29
C PRO A 165 -12.12 8.75 -23.24
N ALA A 166 -12.34 7.52 -22.76
CA ALA A 166 -12.64 6.45 -23.68
C ALA A 166 -13.89 6.77 -24.51
N LEU A 167 -14.91 7.30 -23.85
CA LEU A 167 -16.16 7.65 -24.55
C LEU A 167 -15.97 8.81 -25.50
N LEU A 168 -15.13 9.79 -25.13
CA LEU A 168 -14.81 10.89 -26.05
C LEU A 168 -14.11 10.34 -27.27
N ARG A 169 -13.17 9.42 -27.05
CA ARG A 169 -12.35 8.91 -28.15
C ARG A 169 -13.20 8.12 -29.13
N GLU A 170 -14.18 7.38 -28.62
CA GLU A 170 -15.06 6.61 -29.51
C GLU A 170 -15.75 7.48 -30.58
N GLN A 171 -16.28 8.62 -30.16
CA GLN A 171 -16.94 9.57 -31.05
C GLN A 171 -15.97 10.47 -31.81
N ARG A 172 -14.79 10.72 -31.25
CA ARG A 172 -13.89 11.70 -31.82
C ARG A 172 -12.48 11.16 -31.86
N PRO A 173 -12.23 10.20 -32.75
CA PRO A 173 -10.96 9.45 -32.85
C PRO A 173 -9.72 10.34 -32.99
N ASP A 174 -9.83 11.60 -33.42
CA ASP A 174 -8.64 12.40 -33.74
C ASP A 174 -8.51 13.61 -32.84
N ALA A 175 -9.38 13.73 -31.84
CA ALA A 175 -9.35 14.89 -30.95
C ALA A 175 -8.18 14.78 -29.94
N PRO A 176 -7.57 15.91 -29.63
CA PRO A 176 -6.67 16.01 -28.48
C PRO A 176 -7.48 15.86 -27.20
N ILE A 177 -7.15 14.86 -26.40
CA ILE A 177 -7.85 14.67 -25.14
C ILE A 177 -6.82 14.60 -24.00
N LEU A 178 -6.84 15.59 -23.12
CA LEU A 178 -6.07 15.53 -21.87
C LEU A 178 -7.00 15.14 -20.71
N LEU A 179 -6.56 14.16 -19.92
CA LEU A 179 -7.11 13.88 -18.60
C LEU A 179 -6.10 14.31 -17.51
N PHE A 180 -6.50 15.20 -16.62
CA PHE A 180 -5.64 15.56 -15.50
C PHE A 180 -6.23 15.07 -14.20
N VAL A 181 -5.43 14.32 -13.47
CA VAL A 181 -5.84 13.73 -12.22
C VAL A 181 -5.15 14.52 -11.11
N HIS A 182 -5.94 14.92 -10.14
CA HIS A 182 -5.48 15.87 -9.11
C HIS A 182 -5.02 15.18 -7.84
N ILE A 183 -5.19 13.86 -7.82
CA ILE A 183 -4.93 13.08 -6.62
C ILE A 183 -3.86 12.02 -6.93
N PRO A 184 -3.38 11.30 -5.91
CA PRO A 184 -2.27 10.40 -6.21
C PRO A 184 -2.70 9.22 -7.08
N TRP A 185 -1.74 8.49 -7.64
CA TRP A 185 -2.02 7.15 -8.15
C TRP A 185 -1.27 6.15 -7.31
N PRO A 186 -1.96 5.10 -6.83
CA PRO A 186 -1.30 4.20 -5.88
C PRO A 186 -0.47 3.13 -6.56
N SER A 187 0.49 2.56 -5.84
CA SER A 187 1.21 1.36 -6.24
C SER A 187 0.33 0.31 -6.94
N ALA A 188 0.92 -0.40 -7.90
CA ALA A 188 0.21 -1.53 -8.54
C ALA A 188 -0.42 -2.47 -7.49
N ASP A 189 0.27 -2.83 -6.43
CA ASP A 189 -0.31 -3.83 -5.52
C ASP A 189 -1.51 -3.26 -4.78
N TYR A 190 -1.49 -1.96 -4.56
CA TYR A 190 -2.55 -1.33 -3.81
C TYR A 190 -3.70 -1.05 -4.79
N TRP A 191 -3.38 -0.53 -5.98
CA TRP A 191 -4.42 -0.31 -6.99
C TRP A 191 -5.28 -1.58 -7.23
N ARG A 192 -4.64 -2.74 -7.28
CA ARG A 192 -5.37 -3.96 -7.57
C ARG A 192 -6.20 -4.53 -6.40
N ILE A 193 -6.23 -3.82 -5.27
CA ILE A 193 -7.18 -4.14 -4.21
C ILE A 193 -8.63 -4.10 -4.78
N LEU A 194 -8.90 -3.09 -5.61
CA LEU A 194 -10.23 -2.86 -6.18
C LEU A 194 -10.70 -4.10 -6.94
N PRO A 195 -12.02 -4.33 -6.97
CA PRO A 195 -12.60 -5.42 -7.78
C PRO A 195 -12.10 -5.38 -9.21
N LYS A 196 -11.99 -6.57 -9.79
CA LYS A 196 -11.53 -6.72 -11.17
C LYS A 196 -12.19 -5.78 -12.19
N GLU A 197 -13.51 -5.59 -12.15
CA GLU A 197 -14.13 -4.79 -13.22
C GLU A 197 -13.85 -3.29 -13.00
N ILE A 198 -13.55 -2.91 -11.77
CA ILE A 198 -13.18 -1.54 -11.50
C ILE A 198 -11.70 -1.22 -11.80
N ARG A 199 -10.79 -2.11 -11.39
CA ARG A 199 -9.37 -1.83 -11.48
C ARG A 199 -8.95 -1.86 -12.94
N THR A 200 -9.60 -2.69 -13.75
CA THR A 200 -9.33 -2.70 -15.19
C THR A 200 -10.21 -1.65 -15.89
N GLY A 201 -11.51 -1.61 -15.59
CA GLY A 201 -12.38 -0.64 -16.22
C GLY A 201 -11.96 0.82 -16.09
N ILE A 202 -11.40 1.21 -14.96
CA ILE A 202 -10.94 2.60 -14.85
C ILE A 202 -9.75 2.83 -15.82
N LEU A 203 -8.90 1.83 -15.99
CA LEU A 203 -7.73 1.98 -16.83
C LEU A 203 -8.18 2.03 -18.30
N HIS A 204 -9.21 1.24 -18.66
CA HIS A 204 -9.83 1.30 -20.00
C HIS A 204 -10.36 2.70 -20.35
N GLY A 205 -10.91 3.38 -19.36
CA GLY A 205 -11.47 4.69 -19.51
C GLY A 205 -10.46 5.78 -19.74
N MET A 206 -9.28 5.67 -19.12
CA MET A 206 -8.27 6.74 -19.08
C MET A 206 -7.36 6.70 -20.28
N LEU A 207 -6.95 5.49 -20.64
CA LEU A 207 -5.85 5.28 -21.58
C LEU A 207 -6.05 5.86 -22.99
N PRO A 208 -7.30 5.93 -23.47
CA PRO A 208 -7.50 6.55 -24.79
C PRO A 208 -7.23 8.04 -24.76
N ALA A 209 -7.00 8.66 -23.59
CA ALA A 209 -6.65 10.08 -23.61
C ALA A 209 -5.34 10.21 -24.37
N THR A 210 -5.06 11.41 -24.91
CA THR A 210 -3.81 11.63 -25.64
C THR A 210 -2.73 11.77 -24.57
N THR A 211 -3.10 12.48 -23.51
CA THR A 211 -2.19 12.84 -22.44
C THR A 211 -2.91 12.60 -21.11
N ILE A 212 -2.22 11.96 -20.17
CA ILE A 212 -2.71 11.83 -18.80
C ILE A 212 -1.73 12.58 -17.91
N GLY A 213 -2.22 13.59 -17.20
CA GLY A 213 -1.32 14.32 -16.34
C GLY A 213 -1.58 14.10 -14.86
N PHE A 214 -0.51 14.13 -14.08
CA PHE A 214 -0.58 14.05 -12.62
C PHE A 214 0.27 15.19 -12.06
N PHE A 215 0.17 15.47 -10.77
CA PHE A 215 0.99 16.53 -10.20
C PHE A 215 2.44 16.10 -9.91
N ALA A 216 2.72 14.80 -9.88
CA ALA A 216 3.99 14.32 -9.38
C ALA A 216 4.45 13.11 -10.14
N ASP A 217 5.76 12.97 -10.32
CA ASP A 217 6.38 11.83 -11.01
C ASP A 217 5.99 10.50 -10.42
N ARG A 218 5.89 10.44 -9.09
CA ARG A 218 5.58 9.18 -8.40
C ARG A 218 4.26 8.67 -8.85
N TRP A 219 3.34 9.61 -9.01
CA TRP A 219 1.99 9.19 -9.48
C TRP A 219 2.06 8.65 -10.91
N CYS A 220 2.84 9.31 -11.80
CA CYS A 220 2.96 8.74 -13.19
C CYS A 220 3.59 7.33 -13.16
N ARG A 221 4.58 7.13 -12.30
CA ARG A 221 5.26 5.85 -12.25
C ARG A 221 4.27 4.80 -11.78
N ASN A 222 3.57 5.09 -10.69
CA ASN A 222 2.56 4.16 -10.15
C ASN A 222 1.48 3.82 -11.14
N PHE A 223 0.95 4.82 -11.80
CA PHE A 223 0.04 4.56 -12.91
C PHE A 223 0.59 3.57 -13.92
N LEU A 224 1.81 3.79 -14.40
CA LEU A 224 2.41 2.92 -15.39
C LEU A 224 2.57 1.49 -14.86
N GLU A 225 3.01 1.36 -13.62
CA GLU A 225 3.11 0.03 -13.01
C GLU A 225 1.73 -0.66 -12.92
N SER A 226 0.68 0.13 -12.66
CA SER A 226 -0.67 -0.42 -12.58
C SER A 226 -1.06 -0.94 -13.97
N VAL A 227 -0.79 -0.12 -14.97
CA VAL A 227 -1.12 -0.53 -16.34
C VAL A 227 -0.36 -1.84 -16.66
N ALA A 228 0.93 -1.85 -16.42
CA ALA A 228 1.74 -3.01 -16.74
C ALA A 228 1.26 -4.25 -16.02
N ASP A 229 0.76 -4.06 -14.81
CA ASP A 229 0.35 -5.16 -13.96
C ASP A 229 -0.97 -5.77 -14.40
N LEU A 230 -1.89 -4.90 -14.79
CA LEU A 230 -3.26 -5.37 -15.09
C LEU A 230 -3.62 -5.61 -16.57
N LEU A 231 -2.93 -4.96 -17.51
CA LEU A 231 -3.29 -5.09 -18.93
C LEU A 231 -2.12 -5.76 -19.61
N PRO A 232 -2.16 -7.09 -19.70
CA PRO A 232 -1.05 -7.84 -20.30
C PRO A 232 -0.80 -7.43 -21.78
N ASP A 233 -1.76 -6.76 -22.42
CA ASP A 233 -1.65 -6.38 -23.83
C ASP A 233 -1.11 -4.95 -23.95
N ALA A 234 -0.88 -4.27 -22.82
CA ALA A 234 -0.33 -2.92 -22.88
C ALA A 234 1.21 -2.98 -22.86
N ARG A 235 1.87 -2.03 -23.52
CA ARG A 235 3.32 -1.87 -23.40
C ARG A 235 3.66 -0.52 -22.78
N ILE A 236 4.41 -0.55 -21.69
CA ILE A 236 4.78 0.70 -21.06
C ILE A 236 6.25 0.99 -21.35
N ASP A 237 6.59 2.27 -21.35
CA ASP A 237 7.97 2.70 -21.46
C ASP A 237 8.22 3.68 -20.33
N ARG A 238 8.97 3.20 -19.34
CA ARG A 238 9.23 4.05 -18.18
C ARG A 238 10.09 5.26 -18.52
N GLU A 239 10.94 5.18 -19.53
CA GLU A 239 11.81 6.30 -19.86
C GLU A 239 11.05 7.38 -20.62
N ALA A 240 10.28 6.95 -21.60
CA ALA A 240 9.49 7.83 -22.44
C ALA A 240 8.21 8.26 -21.72
N MET A 241 7.84 7.51 -20.68
CA MET A 241 6.57 7.75 -19.98
C MET A 241 5.39 7.55 -20.94
N THR A 242 5.32 6.38 -21.56
CA THR A 242 4.25 6.11 -22.49
C THR A 242 3.66 4.74 -22.32
N VAL A 243 2.42 4.66 -22.77
CA VAL A 243 1.71 3.40 -22.85
C VAL A 243 1.20 3.21 -24.28
N GLU A 244 1.36 2.01 -24.80
CA GLU A 244 0.76 1.65 -26.06
C GLU A 244 -0.13 0.47 -25.75
N TRP A 245 -1.37 0.61 -26.15
CA TRP A 245 -2.39 -0.34 -25.77
C TRP A 245 -3.46 -0.30 -26.85
N ARG A 246 -3.75 -1.47 -27.43
CA ARG A 246 -4.74 -1.57 -28.52
C ARG A 246 -4.72 -0.41 -29.52
N GLY A 247 -3.53 -0.07 -30.02
CA GLY A 247 -3.37 1.02 -30.95
C GLY A 247 -3.48 2.40 -30.32
N HIS A 248 -3.74 2.44 -29.02
CA HIS A 248 -3.76 3.71 -28.29
C HIS A 248 -2.32 4.00 -27.84
N ARG A 249 -1.78 5.16 -28.22
CA ARG A 249 -0.55 5.64 -27.62
C ARG A 249 -0.86 6.79 -26.65
N THR A 250 -0.48 6.60 -25.40
CA THR A 250 -0.77 7.55 -24.33
C THR A 250 0.52 8.09 -23.71
N ARG A 251 0.58 9.41 -23.56
CA ARG A 251 1.74 10.02 -22.90
C ARG A 251 1.37 10.39 -21.46
N LEU A 252 2.21 10.02 -20.49
CA LEU A 252 2.07 10.48 -19.09
C LEU A 252 2.95 11.72 -18.84
N ARG A 253 2.38 12.74 -18.23
CA ARG A 253 3.14 13.92 -17.90
C ARG A 253 2.95 14.31 -16.45
N THR A 254 4.04 14.79 -15.84
CA THR A 254 3.97 15.50 -14.56
C THR A 254 3.86 17.01 -14.81
N MET A 255 2.78 17.62 -14.33
CA MET A 255 2.60 19.06 -14.44
C MET A 255 2.24 19.56 -13.07
N PRO A 256 3.26 19.95 -12.31
CA PRO A 256 3.08 20.45 -10.94
C PRO A 256 2.33 21.81 -10.93
N LEU A 257 1.53 22.00 -9.88
CA LEU A 257 0.80 23.24 -9.63
C LEU A 257 1.15 23.65 -8.20
N GLY A 258 1.23 24.95 -7.95
CA GLY A 258 1.59 25.41 -6.62
C GLY A 258 0.47 26.25 -6.03
N TYR A 259 -0.01 27.22 -6.80
CA TYR A 259 -0.90 28.21 -6.22
C TYR A 259 -1.44 29.20 -7.26
N SER A 260 -2.54 29.84 -6.91
CA SER A 260 -3.08 30.91 -7.71
C SER A 260 -2.70 32.26 -7.11
N PRO A 261 -1.95 33.07 -7.87
CA PRO A 261 -1.56 34.43 -7.47
C PRO A 261 -2.70 35.23 -6.80
N LEU A 262 -3.94 34.89 -7.09
CA LEU A 262 -5.08 35.59 -6.48
C LEU A 262 -5.23 35.38 -4.97
N THR A 263 -4.48 34.45 -4.39
CA THR A 263 -4.59 34.19 -2.97
C THR A 263 -3.93 35.31 -2.14
N PRO A 269 -5.92 39.85 5.76
CA PRO A 269 -7.06 39.00 6.17
C PRO A 269 -7.09 38.98 7.66
N GLN A 270 -8.09 38.33 8.24
CA GLN A 270 -8.13 38.34 9.69
C GLN A 270 -8.31 36.96 10.30
N LEU A 271 -7.84 36.83 11.53
CA LEU A 271 -7.84 35.56 12.23
C LEU A 271 -9.22 35.22 12.72
N PRO A 272 -9.47 33.95 12.95
CA PRO A 272 -10.74 33.50 13.53
C PRO A 272 -10.93 34.10 14.92
N GLU A 273 -12.17 34.32 15.32
CA GLU A 273 -12.48 34.93 16.60
C GLU A 273 -11.64 34.38 17.74
N GLY A 274 -10.94 35.27 18.43
CA GLY A 274 -10.19 34.92 19.63
C GLY A 274 -8.87 34.23 19.42
N ILE A 275 -8.48 34.00 18.17
CA ILE A 275 -7.23 33.32 17.90
C ILE A 275 -6.04 34.21 18.15
N GLU A 276 -6.12 35.45 17.68
CA GLU A 276 -5.04 36.40 17.90
C GLU A 276 -4.69 36.62 19.38
N GLU A 277 -5.70 36.89 20.19
CA GLU A 277 -5.41 37.11 21.61
C GLU A 277 -4.92 35.83 22.27
N TRP A 278 -5.56 34.70 21.94
CA TRP A 278 -5.08 33.40 22.42
C TRP A 278 -3.64 33.14 22.00
N ALA A 279 -3.28 33.46 20.74
CA ALA A 279 -1.91 33.25 20.27
C ALA A 279 -0.88 34.30 20.74
N ASP A 280 -1.34 35.49 21.12
CA ASP A 280 -0.42 36.57 21.49
C ASP A 280 0.51 36.17 22.64
N GLY A 281 1.78 36.52 22.48
CA GLY A 281 2.75 36.18 23.49
C GLY A 281 3.31 34.79 23.31
N HIS A 282 2.80 34.06 22.32
CA HIS A 282 3.30 32.70 22.09
C HIS A 282 3.75 32.52 20.65
N ARG A 283 4.72 31.66 20.45
CA ARG A 283 4.96 31.13 19.11
C ARG A 283 3.79 30.23 18.69
N LEU A 284 3.38 30.31 17.42
CA LEU A 284 2.19 29.59 16.97
C LEU A 284 2.52 28.53 15.94
N VAL A 285 2.29 27.26 16.29
CA VAL A 285 2.35 26.17 15.34
C VAL A 285 1.00 26.02 14.61
N VAL A 286 1.04 26.06 13.29
CA VAL A 286 -0.17 25.93 12.52
C VAL A 286 -0.19 24.71 11.59
N HIS A 287 -1.26 23.92 11.68
CA HIS A 287 -1.52 22.85 10.77
C HIS A 287 -2.87 23.12 10.13
N SER A 288 -2.96 23.00 8.83
CA SER A 288 -4.21 23.30 8.18
C SER A 288 -4.55 22.26 7.13
N GLY A 289 -5.82 21.89 7.04
CA GLY A 289 -6.28 21.03 5.99
C GLY A 289 -7.76 20.75 6.19
N ARG A 290 -8.40 20.29 5.14
CA ARG A 290 -9.76 19.77 5.24
C ARG A 290 -9.86 18.64 6.28
N THR A 291 -11.10 18.38 6.72
CA THR A 291 -11.40 17.34 7.64
C THR A 291 -11.34 16.03 6.84
N ASP A 292 -10.13 15.62 6.45
CA ASP A 292 -9.94 14.44 5.63
C ASP A 292 -8.77 13.69 6.25
N PRO A 293 -8.88 12.35 6.43
CA PRO A 293 -7.83 11.67 7.17
C PRO A 293 -6.43 11.84 6.59
N ILE A 294 -6.32 12.02 5.28
CA ILE A 294 -4.97 12.19 4.70
C ILE A 294 -4.23 13.41 5.26
N LYS A 295 -4.94 14.37 5.87
CA LYS A 295 -4.27 15.62 6.25
C LYS A 295 -3.45 15.40 7.50
N ASN A 296 -3.67 14.28 8.22
CA ASN A 296 -2.73 13.86 9.28
C ASN A 296 -2.57 14.74 10.54
N ALA A 297 -3.60 15.48 10.93
CA ALA A 297 -3.49 16.45 12.01
C ALA A 297 -3.35 15.74 13.36
N GLU A 298 -3.96 14.56 13.47
CA GLU A 298 -3.81 13.75 14.68
C GLU A 298 -2.36 13.49 14.98
N ARG A 299 -1.64 13.02 13.97
CA ARG A 299 -0.22 12.72 14.15
C ARG A 299 0.57 14.01 14.37
N ALA A 300 0.15 15.09 13.73
CA ALA A 300 0.82 16.38 13.95
C ALA A 300 0.79 16.75 15.41
N VAL A 301 -0.39 16.62 16.02
CA VAL A 301 -0.58 16.95 17.43
C VAL A 301 0.23 16.06 18.35
N ARG A 302 0.25 14.74 18.07
CA ARG A 302 1.03 13.84 18.91
C ARG A 302 2.50 14.15 18.84
N ALA A 303 2.95 14.57 17.66
CA ALA A 303 4.32 14.92 17.44
C ALA A 303 4.66 16.20 18.21
N PHE A 304 3.73 17.13 18.25
CA PHE A 304 3.90 18.40 18.96
C PHE A 304 4.06 18.10 20.44
N VAL A 305 3.21 17.17 20.90
CA VAL A 305 3.31 16.77 22.29
C VAL A 305 4.67 16.15 22.60
N LEU A 306 5.17 15.30 21.73
CA LEU A 306 6.45 14.67 21.99
C LEU A 306 7.55 15.73 21.95
N ALA A 307 7.41 16.70 21.06
CA ALA A 307 8.41 17.77 21.01
C ALA A 307 8.43 18.56 22.31
N ALA A 308 7.23 18.87 22.84
CA ALA A 308 7.07 19.62 24.08
C ALA A 308 7.71 18.92 25.27
N ARG A 309 7.50 17.61 25.38
CA ARG A 309 8.18 16.79 26.38
C ARG A 309 9.68 16.98 26.38
N GLY A 310 10.25 17.25 25.21
CA GLY A 310 11.68 17.52 25.14
C GLY A 310 12.07 18.89 25.71
N GLY A 311 11.10 19.76 25.96
CA GLY A 311 11.39 21.10 26.48
C GLY A 311 11.73 22.15 25.42
N GLY A 312 11.62 23.41 25.79
CA GLY A 312 11.92 24.51 24.88
C GLY A 312 10.67 25.03 24.20
N LEU A 313 9.54 24.36 24.45
CA LEU A 313 8.28 24.72 23.80
C LEU A 313 7.29 25.39 24.74
N GLU A 314 7.79 25.84 25.89
CA GLU A 314 6.93 26.43 26.94
C GLU A 314 6.09 27.62 26.52
N LYS A 315 6.59 28.44 25.60
CA LYS A 315 5.79 29.58 25.17
C LYS A 315 5.19 29.32 23.79
N THR A 316 4.85 28.07 23.52
CA THR A 316 4.38 27.70 22.19
C THR A 316 2.97 27.12 22.20
N ARG A 317 2.17 27.57 21.24
CA ARG A 317 0.83 27.03 21.07
C ARG A 317 0.69 26.41 19.67
N MET A 318 -0.35 25.62 19.50
CA MET A 318 -0.64 24.96 18.25
C MET A 318 -2.10 25.13 17.90
N LEU A 319 -2.31 25.51 16.65
CA LEU A 319 -3.65 25.65 16.13
C LEU A 319 -3.85 24.58 15.07
N VAL A 320 -4.97 23.89 15.16
CA VAL A 320 -5.34 22.93 14.12
C VAL A 320 -6.49 23.54 13.37
N ARG A 321 -6.19 24.03 12.19
CA ARG A 321 -7.17 24.73 11.38
C ARG A 321 -7.74 23.72 10.42
N MET A 322 -9.06 23.48 10.46
CA MET A 322 -9.67 22.50 9.57
C MET A 322 -10.81 23.14 8.80
N ASN A 323 -11.03 22.66 7.61
CA ASN A 323 -12.13 23.16 6.80
C ASN A 323 -13.09 21.97 6.64
N PRO A 324 -14.29 22.07 7.24
CA PRO A 324 -15.23 20.94 7.25
C PRO A 324 -15.60 20.48 5.85
N ASN A 325 -15.54 19.17 5.63
CA ASN A 325 -15.74 18.63 4.30
C ASN A 325 -16.06 17.13 4.36
N ARG A 326 -17.14 16.72 3.70
CA ARG A 326 -17.49 15.31 3.63
C ARG A 326 -17.62 14.67 5.00
N LEU A 327 -18.16 15.42 5.96
CA LEU A 327 -18.31 14.91 7.32
C LEU A 327 -19.27 13.72 7.37
N TYR A 328 -20.10 13.57 6.34
CA TYR A 328 -21.05 12.45 6.33
C TYR A 328 -20.30 11.14 6.05
N VAL A 329 -19.09 11.22 5.52
CA VAL A 329 -18.28 10.01 5.32
C VAL A 329 -17.69 9.58 6.67
N PRO A 330 -17.88 8.31 7.06
CA PRO A 330 -17.43 7.87 8.38
C PRO A 330 -15.94 8.14 8.64
N ALA A 331 -15.08 7.87 7.64
CA ALA A 331 -13.62 8.07 7.82
C ALA A 331 -13.25 9.56 8.14
N ASN A 332 -13.93 10.50 7.50
CA ASN A 332 -13.78 11.92 7.83
C ASN A 332 -14.26 12.27 9.22
N ALA A 333 -15.48 11.87 9.56
CA ALA A 333 -15.97 12.08 10.93
C ALA A 333 -15.04 11.44 11.98
N ASP A 334 -14.59 10.22 11.71
CA ASP A 334 -13.70 9.57 12.63
C ASP A 334 -12.37 10.31 12.73
N TYR A 335 -11.87 10.83 11.62
CA TYR A 335 -10.65 11.63 11.67
C TYR A 335 -10.81 12.84 12.59
N VAL A 336 -11.94 13.53 12.48
CA VAL A 336 -12.17 14.69 13.36
C VAL A 336 -12.23 14.21 14.81
N HIS A 337 -12.83 13.05 15.00
CA HIS A 337 -12.93 12.49 16.35
C HIS A 337 -11.55 12.15 16.93
N ARG A 338 -10.66 11.58 16.13
CA ARG A 338 -9.29 11.29 16.59
C ARG A 338 -8.48 12.56 16.84
N VAL A 339 -8.62 13.53 15.95
CA VAL A 339 -8.01 14.85 16.18
C VAL A 339 -8.45 15.50 17.53
N GLU A 340 -9.76 15.58 17.76
CA GLU A 340 -10.30 16.13 19.02
C GLU A 340 -9.71 15.42 20.23
N THR A 341 -9.63 14.10 20.18
CA THR A 341 -9.06 13.31 21.24
C THR A 341 -7.63 13.69 21.51
N ALA A 342 -6.84 13.72 20.45
CA ALA A 342 -5.45 14.02 20.63
C ALA A 342 -5.30 15.45 21.15
N VAL A 343 -6.14 16.37 20.68
CA VAL A 343 -6.06 17.75 21.15
C VAL A 343 -6.49 17.80 22.62
N ALA A 344 -7.56 17.10 22.96
CA ALA A 344 -7.93 17.09 24.39
C ALA A 344 -6.77 16.56 25.25
N GLU A 345 -6.18 15.42 24.86
CA GLU A 345 -5.08 14.82 25.60
C GLU A 345 -3.81 15.67 25.64
N ALA A 346 -3.59 16.47 24.60
CA ALA A 346 -2.43 17.37 24.57
C ALA A 346 -2.57 18.43 25.66
N ASN A 347 -3.74 19.05 25.70
CA ASN A 347 -4.06 20.05 26.73
C ASN A 347 -3.96 19.53 28.17
N ALA A 348 -4.51 18.34 28.39
CA ALA A 348 -4.49 17.73 29.72
C ALA A 348 -3.08 17.48 30.17
N GLU A 349 -2.18 17.19 29.25
CA GLU A 349 -0.84 16.88 29.70
C GLU A 349 0.03 18.13 29.73
N LEU A 350 -0.15 18.99 28.74
CA LEU A 350 0.74 20.13 28.53
C LEU A 350 0.24 21.34 29.30
N GLY A 351 -1.07 21.45 29.44
CA GLY A 351 -1.66 22.61 30.06
C GLY A 351 -2.87 23.09 29.28
N SER A 352 -3.88 23.60 29.98
CA SER A 352 -5.11 23.98 29.32
C SER A 352 -4.88 25.05 28.26
N ASP A 353 -5.53 24.87 27.11
CA ASP A 353 -5.49 25.84 26.02
C ASP A 353 -4.17 25.89 25.25
N THR A 354 -3.33 24.88 25.44
CA THR A 354 -2.10 24.76 24.67
C THR A 354 -2.41 24.57 23.18
N VAL A 355 -3.43 23.77 22.90
CA VAL A 355 -3.77 23.41 21.54
C VAL A 355 -5.22 23.71 21.27
N ARG A 356 -5.48 24.36 20.15
CA ARG A 356 -6.86 24.61 19.78
C ARG A 356 -7.18 24.07 18.40
N ILE A 357 -8.42 23.66 18.23
CA ILE A 357 -8.94 23.38 16.91
C ILE A 357 -9.86 24.51 16.51
N ASP A 358 -9.70 25.00 15.29
CA ASP A 358 -10.64 25.94 14.76
C ASP A 358 -11.11 25.37 13.45
N ASN A 359 -12.35 24.92 13.40
CA ASN A 359 -12.85 24.14 12.27
C ASN A 359 -14.01 24.88 11.64
N ASP A 360 -13.75 25.50 10.51
CA ASP A 360 -14.73 26.38 9.89
C ASP A 360 -14.33 26.56 8.43
N ASN A 361 -15.31 26.77 7.57
CA ASN A 361 -15.05 27.01 6.16
C ASN A 361 -14.92 28.52 5.84
N ASP A 362 -13.73 29.09 6.04
CA ASP A 362 -13.47 30.49 5.69
C ASP A 362 -12.04 30.65 5.22
N VAL A 363 -11.84 30.58 3.91
CA VAL A 363 -10.52 30.60 3.33
C VAL A 363 -9.69 31.82 3.81
N ASN A 364 -10.33 32.97 4.00
CA ASN A 364 -9.61 34.14 4.47
C ASN A 364 -9.04 33.93 5.87
N HIS A 365 -9.82 33.30 6.74
CA HIS A 365 -9.30 32.94 8.06
C HIS A 365 -8.04 32.08 7.88
N THR A 366 -8.06 31.14 6.95
CA THR A 366 -6.92 30.22 6.88
C THR A 366 -5.69 30.97 6.42
N ILE A 367 -5.86 31.79 5.40
CA ILE A 367 -4.76 32.64 4.98
C ILE A 367 -4.22 33.49 6.14
N ALA A 368 -5.09 33.99 7.00
CA ALA A 368 -4.62 34.75 8.16
C ALA A 368 -3.77 33.87 9.08
N CYS A 369 -4.22 32.64 9.26
CA CYS A 369 -3.47 31.67 10.04
C CYS A 369 -2.07 31.45 9.44
N PHE A 370 -1.97 31.39 8.11
CA PHE A 370 -0.69 31.20 7.40
C PHE A 370 0.29 32.36 7.66
N ARG A 371 -0.22 33.59 7.57
CA ARG A 371 0.59 34.79 7.86
C ARG A 371 1.11 34.80 9.29
N ARG A 372 0.25 34.46 10.22
CA ARG A 372 0.56 34.48 11.65
C ARG A 372 1.50 33.36 12.13
N ALA A 373 1.61 32.27 11.38
CA ALA A 373 2.33 31.08 11.88
C ALA A 373 3.82 31.33 12.05
N ASP A 374 4.35 30.84 13.17
CA ASP A 374 5.79 30.71 13.39
C ASP A 374 6.32 29.31 12.99
N LEU A 375 5.43 28.35 12.74
CA LEU A 375 5.84 27.04 12.15
C LEU A 375 4.62 26.50 11.40
N LEU A 376 4.80 26.15 10.14
CA LEU A 376 3.73 25.57 9.34
C LEU A 376 3.93 24.03 9.24
N ILE A 377 2.86 23.26 9.39
CA ILE A 377 2.95 21.80 9.27
C ILE A 377 1.95 21.30 8.26
N PHE A 378 2.48 20.74 7.17
CA PHE A 378 1.68 20.08 6.16
C PHE A 378 2.16 18.62 6.02
N ASN A 379 1.77 17.76 6.95
CA ASN A 379 2.42 16.47 7.09
C ASN A 379 1.51 15.35 6.61
N SER A 380 0.86 15.54 5.45
CA SER A 380 -0.20 14.66 4.97
C SER A 380 0.28 13.22 4.91
N THR A 381 -0.59 12.26 5.15
CA THR A 381 -0.18 10.85 4.95
C THR A 381 0.11 10.60 3.48
N VAL A 382 -0.68 11.24 2.62
CA VAL A 382 -0.41 11.35 1.20
C VAL A 382 -1.19 12.56 0.69
N ASP A 383 -0.71 13.19 -0.38
CA ASP A 383 -1.47 14.24 -1.04
C ASP A 383 -1.21 14.27 -2.54
N GLY A 384 -2.22 14.61 -3.33
CA GLY A 384 -2.04 14.68 -4.77
C GLY A 384 -1.00 15.73 -5.09
N GLN A 385 -1.10 16.87 -4.43
CA GLN A 385 -0.05 17.88 -4.50
C GLN A 385 0.09 18.58 -3.15
N ASN A 386 -0.97 19.28 -2.79
CA ASN A 386 -1.03 20.12 -1.61
C ASN A 386 -0.57 21.50 -2.03
N LEU A 387 -1.53 22.35 -2.31
CA LEU A 387 -1.25 23.76 -2.67
C LEU A 387 -0.97 24.62 -1.44
N SER A 388 -1.47 24.18 -0.28
CA SER A 388 -1.34 24.98 0.93
C SER A 388 0.11 25.20 1.25
N THR A 389 0.92 24.17 1.02
CA THR A 389 2.33 24.23 1.37
C THR A 389 3.09 25.21 0.49
N PHE A 390 2.52 25.58 -0.67
CA PHE A 390 3.05 26.61 -1.56
C PHE A 390 2.49 28.01 -1.12
N GLU A 391 1.19 28.08 -0.86
CA GLU A 391 0.56 29.33 -0.44
C GLU A 391 1.10 29.88 0.89
N ALA A 392 1.30 28.98 1.85
CA ALA A 392 1.60 29.41 3.21
C ALA A 392 2.94 30.13 3.31
N PRO A 393 4.00 29.50 2.81
CA PRO A 393 5.30 30.19 2.81
C PRO A 393 5.26 31.51 2.02
N LEU A 394 4.40 31.59 1.00
CA LEU A 394 4.37 32.76 0.12
C LEU A 394 3.72 33.97 0.78
N VAL A 395 2.80 33.71 1.72
CA VAL A 395 2.18 34.78 2.49
C VAL A 395 2.74 34.93 3.91
N ASN A 396 3.51 33.95 4.38
CA ASN A 396 4.01 34.02 5.75
C ASN A 396 4.96 35.19 5.95
N GLU A 397 4.74 35.95 7.01
CA GLU A 397 5.53 37.13 7.32
C GLU A 397 6.52 36.90 8.45
N ARG A 398 6.46 35.71 9.03
CA ARG A 398 7.25 35.41 10.23
C ARG A 398 8.48 34.54 9.97
N ASP A 399 8.78 34.28 8.71
CA ASP A 399 9.89 33.41 8.35
C ASP A 399 9.69 32.01 8.93
N ALA A 400 8.44 31.56 8.95
CA ALA A 400 8.08 30.26 9.52
C ALA A 400 8.77 29.14 8.76
N ASP A 401 9.34 28.18 9.46
CA ASP A 401 9.78 26.96 8.75
C ASP A 401 8.54 26.20 8.26
N VAL A 402 8.73 25.31 7.31
CA VAL A 402 7.65 24.41 6.90
C VAL A 402 8.05 22.95 7.10
N ILE A 403 7.26 22.24 7.89
CA ILE A 403 7.36 20.78 7.90
C ILE A 403 6.41 20.15 6.84
N LEU A 404 7.00 19.50 5.85
CA LEU A 404 6.28 18.98 4.71
C LEU A 404 6.47 17.46 4.64
N SER A 405 5.39 16.71 4.42
CA SER A 405 5.53 15.26 4.29
C SER A 405 6.13 14.92 2.95
N GLU A 406 7.05 13.97 2.96
CA GLU A 406 7.69 13.45 1.75
C GLU A 406 6.68 12.80 0.80
N THR A 407 5.48 12.49 1.30
CA THR A 407 4.46 11.89 0.43
C THR A 407 3.47 12.85 -0.22
N CYS A 408 3.62 14.16 0.01
CA CYS A 408 2.86 15.13 -0.78
C CYS A 408 3.52 15.23 -2.18
N GLY A 409 2.74 15.29 -3.25
CA GLY A 409 3.33 15.59 -4.53
C GLY A 409 4.18 16.88 -4.49
N ALA A 410 3.79 17.83 -3.63
CA ALA A 410 4.50 19.10 -3.53
C ALA A 410 5.96 18.90 -3.08
N ALA A 411 6.24 17.77 -2.42
CA ALA A 411 7.59 17.48 -1.97
C ALA A 411 8.56 17.33 -3.14
N GLU A 412 8.08 16.95 -4.32
CA GLU A 412 8.98 16.82 -5.46
C GLU A 412 9.53 18.19 -5.92
N VAL A 413 8.81 19.28 -5.64
CA VAL A 413 9.25 20.65 -5.96
C VAL A 413 9.87 21.39 -4.75
N LEU A 414 9.28 21.22 -3.57
CA LEU A 414 9.67 21.97 -2.39
C LEU A 414 10.43 21.20 -1.31
N GLY A 415 10.54 19.87 -1.44
CA GLY A 415 11.02 19.04 -0.36
C GLY A 415 12.37 19.45 0.17
N GLU A 416 13.28 19.77 -0.75
CA GLU A 416 14.59 20.32 -0.41
C GLU A 416 14.53 21.65 0.35
N TYR A 417 13.43 22.38 0.26
CA TYR A 417 13.38 23.74 0.82
C TYR A 417 12.60 23.74 2.09
N CYS A 418 12.22 22.53 2.51
CA CYS A 418 11.43 22.34 3.72
C CYS A 418 12.07 21.31 4.62
N ARG A 419 11.44 21.09 5.77
CA ARG A 419 11.82 19.96 6.58
C ARG A 419 10.93 18.81 6.16
N SER A 420 11.48 17.97 5.30
CA SER A 420 10.76 16.84 4.73
C SER A 420 10.77 15.68 5.70
N VAL A 421 9.57 15.16 6.00
CA VAL A 421 9.41 14.13 7.02
C VAL A 421 8.62 12.90 6.53
N ASN A 422 8.89 11.77 7.15
CA ASN A 422 8.06 10.60 7.00
C ASN A 422 6.81 10.86 7.84
N PRO A 423 5.62 10.96 7.23
CA PRO A 423 4.44 11.37 8.02
C PRO A 423 3.97 10.39 9.08
N PHE A 424 4.53 9.17 9.09
CA PHE A 424 4.12 8.13 10.03
C PHE A 424 5.05 8.03 11.26
N ASP A 425 6.18 8.74 11.25
CA ASP A 425 7.18 8.68 12.34
C ASP A 425 6.98 9.90 13.28
N LEU A 426 6.34 9.65 14.42
CA LEU A 426 6.10 10.70 15.42
C LEU A 426 7.43 11.24 15.94
N VAL A 427 8.42 10.36 16.06
CA VAL A 427 9.71 10.82 16.56
C VAL A 427 10.39 11.78 15.58
N GLU A 428 10.45 11.41 14.31
CA GLU A 428 11.12 12.26 13.35
C GLU A 428 10.40 13.63 13.29
N GLN A 429 9.06 13.59 13.31
CA GLN A 429 8.28 14.83 13.24
C GLN A 429 8.43 15.68 14.50
N ALA A 430 8.48 15.05 15.67
CA ALA A 430 8.77 15.79 16.89
C ALA A 430 10.12 16.48 16.80
N GLU A 431 11.13 15.77 16.37
CA GLU A 431 12.47 16.36 16.23
C GLU A 431 12.49 17.53 15.27
N ALA A 432 11.69 17.44 14.22
CA ALA A 432 11.67 18.49 13.22
C ALA A 432 11.01 19.78 13.76
N ILE A 433 9.97 19.58 14.58
CA ILE A 433 9.28 20.65 15.25
C ILE A 433 10.21 21.35 16.27
N SER A 434 10.98 20.58 17.01
CA SER A 434 11.93 21.17 17.96
C SER A 434 13.00 21.92 17.19
N ALA A 435 13.59 21.27 16.18
CA ALA A 435 14.67 21.93 15.43
C ALA A 435 14.18 23.21 14.74
N ALA A 436 12.97 23.18 14.17
CA ALA A 436 12.42 24.29 13.40
C ALA A 436 12.19 25.50 14.32
N LEU A 437 11.78 25.21 15.54
CA LEU A 437 11.53 26.24 16.51
C LEU A 437 12.83 26.72 17.18
N ALA A 438 13.82 25.83 17.29
CA ALA A 438 15.10 26.21 17.88
C ALA A 438 15.89 27.10 16.94
N ALA A 439 15.64 26.96 15.63
CA ALA A 439 16.41 27.66 14.61
C ALA A 439 16.37 29.18 14.83
N GLY A 440 17.49 29.87 14.60
CA GLY A 440 17.56 31.31 14.81
C GLY A 440 16.94 32.15 13.70
N PRO A 441 16.74 33.44 13.97
CA PRO A 441 16.02 34.32 13.03
C PRO A 441 16.69 34.46 11.70
N ARG A 442 18.02 34.60 11.69
CA ARG A 442 18.79 34.71 10.47
C ARG A 442 18.73 33.45 9.60
N GLN A 443 18.83 32.29 10.24
CA GLN A 443 18.78 31.02 9.50
C GLN A 443 17.38 30.83 8.87
N ARG A 444 16.34 31.11 9.65
CA ARG A 444 14.97 30.94 9.18
C ARG A 444 14.73 31.92 8.04
N ALA A 445 15.23 33.15 8.22
CA ALA A 445 14.98 34.20 7.23
C ALA A 445 15.54 33.77 5.87
N GLU A 446 16.75 33.22 5.88
CA GLU A 446 17.40 32.80 4.63
C GLU A 446 16.73 31.57 4.03
N ALA A 447 16.26 30.65 4.89
CA ALA A 447 15.64 29.41 4.40
C ALA A 447 14.29 29.76 3.78
N ALA A 448 13.57 30.70 4.40
CA ALA A 448 12.28 31.16 3.92
C ALA A 448 12.35 31.88 2.58
N ALA A 449 13.43 32.62 2.34
CA ALA A 449 13.60 33.28 1.04
C ALA A 449 13.88 32.25 -0.03
N ARG A 450 14.68 31.25 0.27
CA ARG A 450 14.90 30.19 -0.71
C ARG A 450 13.61 29.40 -0.95
N ARG A 451 12.85 29.18 0.11
CA ARG A 451 11.58 28.46 0.03
C ARG A 451 10.60 29.20 -0.88
N ARG A 452 10.41 30.49 -0.61
CA ARG A 452 9.56 31.34 -1.43
C ARG A 452 9.99 31.38 -2.89
N ASP A 453 11.28 31.44 -3.15
CA ASP A 453 11.76 31.43 -4.54
C ASP A 453 11.44 30.10 -5.24
N ALA A 454 11.53 28.99 -4.51
CA ALA A 454 11.24 27.70 -5.11
C ALA A 454 9.73 27.57 -5.39
N ALA A 455 8.92 28.11 -4.50
CA ALA A 455 7.46 28.03 -4.64
C ALA A 455 6.90 28.97 -5.72
N ARG A 456 7.46 30.18 -5.81
CA ARG A 456 6.88 31.28 -6.60
C ARG A 456 6.51 31.00 -8.08
N PRO A 457 7.37 30.26 -8.80
CA PRO A 457 7.13 30.01 -10.24
C PRO A 457 5.92 29.11 -10.54
N TRP A 458 5.50 28.30 -9.58
CA TRP A 458 4.48 27.28 -9.86
C TRP A 458 3.04 27.83 -9.79
N THR A 459 2.70 28.68 -10.76
CA THR A 459 1.44 29.39 -10.71
C THR A 459 0.37 28.61 -11.48
N LEU A 460 -0.88 28.88 -11.15
CA LEU A 460 -1.98 28.33 -11.91
C LEU A 460 -1.77 28.53 -13.43
N GLU A 461 -1.41 29.75 -13.81
CA GLU A 461 -1.23 30.04 -15.23
C GLU A 461 -0.16 29.23 -15.92
N ALA A 462 0.98 29.07 -15.29
CA ALA A 462 2.03 28.23 -15.86
C ALA A 462 1.52 26.78 -16.03
N TRP A 463 0.70 26.35 -15.07
CA TRP A 463 0.16 24.99 -15.06
C TRP A 463 -0.79 24.78 -16.25
N VAL A 464 -1.64 25.78 -16.50
CA VAL A 464 -2.52 25.74 -17.66
C VAL A 464 -1.69 25.73 -18.96
N GLN A 465 -0.75 26.66 -19.07
CA GLN A 465 0.18 26.61 -20.21
C GLN A 465 0.86 25.25 -20.36
N ALA A 466 1.32 24.66 -19.27
CA ALA A 466 1.96 23.33 -19.35
C ALA A 466 1.00 22.31 -19.95
N GLN A 467 -0.26 22.33 -19.54
CA GLN A 467 -1.25 21.43 -20.13
C GLN A 467 -1.46 21.60 -21.65
N LEU A 468 -1.62 22.86 -22.07
CA LEU A 468 -1.84 23.16 -23.47
C LEU A 468 -0.65 22.73 -24.33
N ASP A 469 0.58 23.14 -23.95
CA ASP A 469 1.77 22.74 -24.68
C ASP A 469 1.98 21.24 -24.65
N GLY A 470 1.80 20.62 -23.50
CA GLY A 470 2.10 19.20 -23.37
C GLY A 470 1.14 18.44 -24.24
N LEU A 471 -0.14 18.84 -24.21
CA LEU A 471 -1.16 18.18 -25.05
C LEU A 471 -0.86 18.39 -26.54
N ALA A 472 -0.64 19.64 -26.95
CA ALA A 472 -0.32 19.96 -28.34
C ALA A 472 0.77 19.04 -28.82
N ALA A 473 1.85 18.95 -28.04
CA ALA A 473 2.98 18.12 -28.40
C ALA A 473 2.66 16.63 -28.44
N ASP A 474 1.79 16.16 -27.55
CA ASP A 474 1.51 14.71 -27.51
C ASP A 474 0.57 14.36 -28.65
N HIS A 475 -0.24 15.33 -29.02
CA HIS A 475 -1.15 15.15 -30.14
C HIS A 475 -0.39 14.94 -31.46
N ALA A 476 0.63 15.75 -31.73
CA ALA A 476 1.51 15.52 -32.85
C ALA A 476 2.09 14.10 -32.84
N ALA A 477 2.65 13.70 -31.70
CA ALA A 477 3.29 12.40 -31.61
C ALA A 477 2.28 11.29 -31.89
N ARG A 478 1.09 11.44 -31.33
CA ARG A 478 0.09 10.38 -31.45
C ARG A 478 -0.38 10.35 -32.90
N THR A 479 -0.57 11.54 -33.47
CA THR A 479 -0.96 11.68 -34.86
C THR A 479 0.10 11.05 -35.75
N GLY B 3 33.98 -30.14 -2.86
CA GLY B 3 33.20 -30.30 -1.64
C GLY B 3 33.01 -28.98 -0.88
N SER B 4 31.91 -28.29 -1.17
CA SER B 4 31.62 -27.01 -0.52
C SER B 4 31.26 -27.17 0.96
N GLU B 5 31.76 -26.26 1.79
CA GLU B 5 31.40 -26.26 3.20
C GLU B 5 30.29 -25.24 3.39
N ILE B 6 29.12 -25.73 3.79
CA ILE B 6 27.93 -24.90 3.81
C ILE B 6 27.65 -24.40 5.21
N PHE B 7 27.30 -23.13 5.33
CA PHE B 7 26.85 -22.64 6.62
C PHE B 7 25.42 -22.07 6.51
N LEU B 8 24.46 -22.75 7.13
CA LEU B 8 23.05 -22.35 7.09
C LEU B 8 22.66 -21.62 8.35
N ALA B 9 21.97 -20.48 8.18
CA ALA B 9 21.43 -19.72 9.32
C ALA B 9 19.91 -19.46 9.16
N SER B 10 19.14 -19.63 10.23
CA SER B 10 17.72 -19.33 10.18
C SER B 10 17.35 -19.05 11.60
N LYS B 11 16.21 -18.40 11.82
CA LYS B 11 15.88 -18.00 13.18
C LYS B 11 15.65 -19.23 14.05
N ARG B 12 14.89 -20.18 13.50
CA ARG B 12 14.55 -21.36 14.27
C ARG B 12 15.06 -22.64 13.63
N ALA B 13 15.74 -23.46 14.43
CA ALA B 13 16.15 -24.77 13.95
C ALA B 13 15.27 -25.82 14.61
N ALA B 14 14.54 -26.58 13.79
CA ALA B 14 13.60 -27.56 14.32
C ALA B 14 14.29 -28.71 15.06
N ILE B 15 14.15 -28.73 16.37
CA ILE B 15 14.77 -29.77 17.18
C ILE B 15 13.73 -30.42 18.08
N THR B 16 13.87 -31.72 18.28
CA THR B 16 12.95 -32.48 19.13
C THR B 16 13.65 -32.96 20.40
N TYR B 17 13.15 -32.51 21.55
CA TYR B 17 13.73 -32.87 22.84
C TYR B 17 12.84 -33.85 23.58
N ASP B 18 13.37 -35.03 23.86
CA ASP B 18 12.61 -36.05 24.58
C ASP B 18 13.55 -37.03 25.27
N THR B 19 12.97 -38.02 25.94
CA THR B 19 13.74 -39.09 26.56
C THR B 19 13.48 -40.39 25.78
N ASP B 20 14.55 -41.13 25.54
CA ASP B 20 14.45 -42.47 24.97
C ASP B 20 13.42 -43.24 25.77
N PRO B 21 12.46 -43.88 25.08
CA PRO B 21 11.43 -44.69 25.74
C PRO B 21 11.96 -45.96 26.42
N ALA B 22 13.10 -46.49 25.97
CA ALA B 22 13.67 -47.68 26.57
C ALA B 22 14.60 -47.33 27.74
N THR B 23 15.53 -46.41 27.49
CA THR B 23 16.55 -46.07 28.48
C THR B 23 16.16 -44.86 29.38
N GLY B 24 15.21 -44.05 28.92
CA GLY B 24 14.85 -42.84 29.63
C GLY B 24 15.87 -41.73 29.44
N GLU B 25 16.96 -42.02 28.72
CA GLU B 25 17.99 -41.02 28.43
C GLU B 25 17.45 -39.85 27.59
N PRO B 26 17.89 -38.62 27.89
CA PRO B 26 17.43 -37.43 27.16
C PRO B 26 17.89 -37.42 25.70
N ARG B 27 16.96 -37.12 24.80
CA ARG B 27 17.24 -37.14 23.37
C ARG B 27 16.92 -35.81 22.68
N ALA B 28 17.91 -35.34 21.95
CA ALA B 28 17.81 -34.21 21.07
C ALA B 28 18.10 -34.73 19.67
N TRP B 29 17.17 -34.46 18.77
CA TRP B 29 17.16 -34.97 17.42
C TRP B 29 16.31 -34.14 16.50
N LEU B 30 16.95 -33.89 15.36
CA LEU B 30 16.54 -32.94 14.36
C LEU B 30 15.31 -33.44 13.68
N ALA B 31 14.45 -32.52 13.29
CA ALA B 31 13.22 -32.88 12.64
C ALA B 31 13.50 -33.30 11.19
N PRO B 32 12.82 -34.34 10.74
CA PRO B 32 13.01 -34.85 9.37
C PRO B 32 12.50 -33.87 8.31
N GLY B 33 13.12 -33.87 7.15
CA GLY B 33 12.70 -32.97 6.08
C GLY B 33 13.06 -31.50 6.27
N GLY B 34 13.96 -31.24 7.20
CA GLY B 34 14.44 -29.89 7.46
C GLY B 34 15.32 -29.42 6.31
N THR B 35 15.46 -28.11 6.19
CA THR B 35 16.25 -27.54 5.10
C THR B 35 17.70 -28.01 5.21
N GLY B 36 18.22 -28.05 6.43
CA GLY B 36 19.58 -28.47 6.65
C GLY B 36 19.80 -29.91 6.23
N ASN B 37 18.83 -30.76 6.51
CA ASN B 37 18.89 -32.16 6.12
C ASN B 37 18.93 -32.35 4.61
N VAL B 38 18.14 -31.56 3.91
CA VAL B 38 18.12 -31.58 2.45
C VAL B 38 19.44 -31.10 1.84
N VAL B 39 19.98 -30.03 2.41
CA VAL B 39 21.23 -29.47 1.92
C VAL B 39 22.38 -30.44 2.15
N ALA B 40 22.28 -31.18 3.24
CA ALA B 40 23.32 -32.09 3.64
C ALA B 40 23.41 -33.07 2.50
N GLU B 41 22.26 -33.35 1.91
CA GLU B 41 22.23 -34.30 0.79
C GLU B 41 22.70 -33.76 -0.56
N GLN B 42 22.63 -32.50 -0.94
CA GLN B 42 23.18 -32.29 -2.30
C GLN B 42 24.65 -32.80 -2.53
N ALA B 43 24.91 -33.48 -3.67
CA ALA B 43 26.20 -34.07 -4.03
C ALA B 43 27.39 -33.12 -3.81
N GLY B 44 27.20 -31.84 -4.15
CA GLY B 44 28.27 -30.86 -3.98
C GLY B 44 28.74 -30.70 -2.54
N VAL B 45 27.81 -30.79 -1.59
CA VAL B 45 28.08 -30.49 -0.19
C VAL B 45 29.03 -31.50 0.49
N LEU B 46 30.15 -30.98 1.01
CA LEU B 46 31.08 -31.78 1.80
C LEU B 46 30.58 -31.91 3.22
N ASN B 47 30.23 -30.77 3.80
CA ASN B 47 29.68 -30.73 5.15
C ASN B 47 28.84 -29.47 5.38
N ILE B 48 28.04 -29.49 6.45
CA ILE B 48 27.17 -28.38 6.75
C ILE B 48 27.08 -28.14 8.25
N SER B 49 27.06 -26.86 8.62
CA SER B 49 26.67 -26.44 9.97
C SER B 49 25.42 -25.57 9.92
N TRP B 50 24.61 -25.63 10.97
CA TRP B 50 23.36 -24.87 11.09
C TRP B 50 23.35 -24.01 12.34
N ILE B 51 23.23 -22.69 12.16
CA ILE B 51 23.15 -21.73 13.26
C ILE B 51 21.71 -21.17 13.39
N ALA B 52 21.12 -21.27 14.58
CA ALA B 52 19.78 -20.74 14.83
C ALA B 52 19.67 -20.17 16.26
N SER B 53 18.48 -19.66 16.59
CA SER B 53 18.25 -19.00 17.87
C SER B 53 17.75 -20.00 18.87
N ALA B 54 18.22 -19.90 20.11
CA ALA B 54 17.60 -20.69 21.19
C ALA B 54 16.36 -19.95 21.72
N ASP B 55 15.18 -20.54 21.53
CA ASP B 55 13.93 -19.91 21.97
C ASP B 55 13.22 -20.75 23.02
N SER B 56 13.80 -21.90 23.35
CA SER B 56 13.26 -22.69 24.45
C SER B 56 14.29 -22.93 25.56
N GLU B 57 13.80 -23.25 26.76
CA GLU B 57 14.64 -23.74 27.86
C GLU B 57 15.59 -24.85 27.43
N ASP B 58 15.06 -25.82 26.70
CA ASP B 58 15.83 -26.93 26.20
C ASP B 58 16.93 -26.45 25.29
N ASP B 59 16.59 -25.50 24.42
CA ASP B 59 17.55 -24.98 23.43
C ASP B 59 18.68 -24.39 24.20
N ARG B 60 18.29 -23.58 25.18
CA ARG B 60 19.21 -22.88 26.06
C ARG B 60 20.18 -23.85 26.71
N ARG B 61 19.64 -24.87 27.37
CA ARG B 61 20.50 -25.86 27.98
C ARG B 61 21.45 -26.50 27.01
N ALA B 62 20.91 -26.88 25.87
CA ALA B 62 21.72 -27.51 24.84
C ALA B 62 22.85 -26.59 24.39
N SER B 63 22.56 -25.30 24.29
CA SER B 63 23.57 -24.34 23.87
C SER B 63 24.71 -24.24 24.88
N ALA B 64 24.36 -24.06 26.15
CA ALA B 64 25.33 -23.97 27.23
C ALA B 64 26.19 -25.23 27.25
N LEU B 65 25.49 -26.35 27.13
CA LEU B 65 26.05 -27.68 27.10
C LEU B 65 27.10 -27.87 25.98
N ASN B 66 26.76 -27.42 24.77
CA ASN B 66 27.65 -27.49 23.60
C ASN B 66 27.66 -26.16 22.85
N PRO B 67 28.36 -25.18 23.41
CA PRO B 67 28.36 -23.82 22.88
C PRO B 67 28.95 -23.75 21.48
N ASP B 68 30.04 -24.48 21.24
CA ASP B 68 30.61 -24.55 19.90
C ASP B 68 29.58 -25.19 18.97
N GLY B 69 28.91 -26.21 19.47
CA GLY B 69 27.79 -26.82 18.78
C GLY B 69 27.67 -28.30 19.09
N VAL B 70 26.61 -28.92 18.58
CA VAL B 70 26.43 -30.35 18.76
C VAL B 70 26.26 -31.03 17.40
N THR B 71 27.02 -32.11 17.19
CA THR B 71 26.85 -32.89 15.97
C THR B 71 25.56 -33.69 16.07
N MET B 72 24.76 -33.64 15.01
CA MET B 72 23.53 -34.41 14.94
C MET B 72 23.57 -35.31 13.72
N GLU B 73 23.44 -36.59 14.07
CA GLU B 73 23.38 -37.68 13.15
C GLU B 73 22.04 -37.67 12.49
N LEU B 74 22.08 -38.06 11.24
CA LEU B 74 20.91 -38.15 10.36
C LEU B 74 20.89 -39.47 9.60
N ARG B 78 25.17 -39.41 7.63
CA ARG B 78 25.42 -37.99 7.42
C ARG B 78 25.14 -37.20 8.69
N GLU B 79 25.94 -36.17 8.93
CA GLU B 79 25.83 -35.39 10.17
C GLU B 79 25.84 -33.89 9.92
N ILE B 80 24.97 -33.17 10.62
CA ILE B 80 24.95 -31.71 10.58
C ILE B 80 25.19 -31.13 11.97
N LEU B 81 26.10 -30.16 12.07
CA LEU B 81 26.48 -29.55 13.34
C LEU B 81 25.46 -28.49 13.77
N VAL B 82 24.75 -28.66 14.86
CA VAL B 82 23.76 -27.64 15.18
C VAL B 82 24.27 -26.70 16.24
N ARG B 83 24.33 -25.41 15.91
CA ARG B 83 24.78 -24.47 16.92
C ARG B 83 23.66 -23.50 17.28
N LEU B 84 23.15 -23.59 18.50
CA LEU B 84 22.12 -22.66 18.95
C LEU B 84 22.69 -21.40 19.62
N ILE B 85 22.09 -20.25 19.34
CA ILE B 85 22.57 -18.99 19.90
C ILE B 85 21.76 -18.59 21.12
N ARG B 86 22.48 -18.32 22.20
CA ARG B 86 21.83 -17.77 23.36
C ARG B 86 21.95 -16.25 23.34
N HIS B 87 20.90 -15.59 22.85
CA HIS B 87 20.81 -14.14 22.84
C HIS B 87 20.52 -13.64 24.26
N ASP B 88 20.83 -12.37 24.52
CA ASP B 88 20.35 -11.74 25.73
C ASP B 88 18.83 -11.82 25.69
N PRO B 89 18.22 -12.29 26.77
CA PRO B 89 16.77 -12.53 26.80
C PRO B 89 15.91 -11.28 26.56
N ALA B 90 16.34 -10.15 27.09
CA ALA B 90 15.55 -8.94 26.93
C ALA B 90 15.57 -8.52 25.47
N VAL B 91 16.74 -8.60 24.87
CA VAL B 91 16.92 -8.25 23.47
C VAL B 91 16.15 -9.20 22.58
N PHE B 92 16.31 -10.51 22.83
CA PHE B 92 15.62 -11.49 22.05
C PHE B 92 14.08 -11.30 22.02
N ARG B 93 13.50 -11.06 23.18
CA ARG B 93 12.05 -10.83 23.23
C ARG B 93 11.60 -9.59 22.51
N ASN B 94 12.41 -8.55 22.60
CA ASN B 94 11.98 -7.30 21.98
C ASN B 94 12.06 -7.48 20.46
N VAL B 95 13.12 -8.12 20.00
CA VAL B 95 13.25 -8.47 18.60
C VAL B 95 12.09 -9.34 18.11
N GLN B 96 11.67 -10.31 18.94
CA GLN B 96 10.45 -11.06 18.63
C GLN B 96 9.24 -10.14 18.43
N ASN B 97 9.04 -9.16 19.31
CA ASN B 97 8.00 -8.14 19.11
C ASN B 97 8.25 -7.22 17.90
N PHE B 98 9.52 -6.98 17.60
CA PHE B 98 9.91 -6.28 16.39
C PHE B 98 9.50 -7.05 15.10
N MET B 99 9.59 -8.37 15.16
CA MET B 99 9.23 -9.22 14.03
C MET B 99 7.74 -9.55 13.93
N THR B 100 6.95 -9.15 14.93
CA THR B 100 5.53 -9.47 14.95
C THR B 100 4.67 -8.40 14.30
N ALA B 101 3.37 -8.68 14.16
CA ALA B 101 2.44 -7.72 13.55
C ALA B 101 2.45 -6.33 14.23
N ASN B 102 3.17 -6.22 15.35
CA ASN B 102 3.37 -4.93 15.97
C ASN B 102 4.34 -4.09 15.12
N LEU B 103 5.30 -4.73 14.44
CA LEU B 103 6.19 -4.00 13.51
C LEU B 103 6.51 -4.58 12.10
N MET B 104 7.54 -5.42 11.99
CA MET B 104 8.02 -5.86 10.68
C MET B 104 7.01 -6.76 9.90
N TRP B 105 6.16 -7.49 10.61
CA TRP B 105 5.20 -8.37 9.93
C TRP B 105 4.16 -7.51 9.20
N ALA B 106 3.66 -6.48 9.88
CA ALA B 106 2.80 -5.50 9.25
C ALA B 106 3.50 -4.81 8.06
N ALA B 107 4.81 -4.65 8.13
CA ALA B 107 5.53 -3.93 7.08
C ALA B 107 5.68 -4.76 5.80
N ASN B 108 5.94 -6.07 5.91
CA ASN B 108 6.14 -6.88 4.71
C ASN B 108 4.84 -7.56 4.30
N ASN B 109 3.89 -7.63 5.22
CA ASN B 109 2.63 -8.32 4.89
C ASN B 109 1.41 -7.38 4.84
N TYR B 110 1.67 -6.10 4.57
CA TYR B 110 0.61 -5.15 4.27
C TYR B 110 -0.53 -5.18 5.28
N GLY B 111 -0.25 -4.77 6.52
CA GLY B 111 -1.23 -4.74 7.59
C GLY B 111 -1.60 -3.30 8.00
N TRP B 112 -1.02 -2.28 7.39
CA TRP B 112 -1.25 -0.91 7.87
C TRP B 112 -2.10 -0.09 6.93
N ASP B 113 -2.95 0.79 7.49
CA ASP B 113 -3.90 1.51 6.64
C ASP B 113 -3.37 2.93 6.35
N ARG B 114 -2.27 3.30 6.99
CA ARG B 114 -1.67 4.60 6.75
C ARG B 114 -2.45 5.77 7.37
N TRP B 115 -3.76 5.86 7.12
CA TRP B 115 -4.56 6.92 7.71
C TRP B 115 -4.52 6.87 9.25
N THR B 116 -4.48 5.68 9.85
CA THR B 116 -4.51 5.61 11.33
C THR B 116 -3.35 4.87 11.96
N GLN B 117 -2.76 3.98 11.19
CA GLN B 117 -1.57 3.27 11.64
C GLN B 117 -0.62 3.26 10.48
N PRO B 118 0.67 3.18 10.76
CA PRO B 118 1.18 3.14 12.14
C PRO B 118 1.65 4.53 12.63
N SER B 119 2.02 4.64 13.89
CA SER B 119 2.66 5.88 14.36
C SER B 119 3.90 5.46 15.15
N PHE B 120 5.07 5.61 14.53
CA PHE B 120 6.33 5.14 15.10
C PHE B 120 6.79 6.09 16.20
N GLY B 121 7.11 5.49 17.35
CA GLY B 121 7.60 6.22 18.52
C GLY B 121 9.02 5.82 18.92
N SER B 122 9.36 6.06 20.18
CA SER B 122 10.64 5.70 20.75
C SER B 122 10.80 4.19 20.69
N ASP B 123 9.68 3.48 20.77
CA ASP B 123 9.70 2.02 20.76
C ASP B 123 10.34 1.50 19.48
N ALA B 124 10.04 2.15 18.36
CA ALA B 124 10.64 1.77 17.09
C ALA B 124 12.16 1.95 17.07
N ARG B 125 12.65 3.05 17.62
CA ARG B 125 14.10 3.27 17.72
C ARG B 125 14.81 2.19 18.57
N GLU B 126 14.18 1.82 19.67
CA GLU B 126 14.69 0.80 20.60
C GLU B 126 14.65 -0.58 19.96
N GLY B 127 13.55 -0.88 19.27
CA GLY B 127 13.37 -2.12 18.55
C GLY B 127 14.45 -2.26 17.50
N TRP B 128 14.75 -1.16 16.81
CA TRP B 128 15.82 -1.19 15.81
C TRP B 128 17.21 -1.41 16.45
N ALA B 129 17.44 -0.78 17.59
CA ALA B 129 18.72 -0.95 18.29
C ALA B 129 18.83 -2.40 18.68
N ASP B 130 17.78 -2.93 19.29
CA ASP B 130 17.76 -4.33 19.67
C ASP B 130 18.00 -5.22 18.46
N PHE B 131 17.40 -4.84 17.33
CA PHE B 131 17.57 -5.63 16.11
C PHE B 131 19.03 -5.67 15.66
N GLY B 132 19.74 -4.55 15.75
CA GLY B 132 21.17 -4.59 15.43
C GLY B 132 21.95 -5.56 16.34
N ARG B 133 21.64 -5.58 17.63
CA ARG B 133 22.34 -6.45 18.56
C ARG B 133 22.07 -7.94 18.27
N PHE B 134 20.82 -8.27 17.97
CA PHE B 134 20.42 -9.59 17.55
C PHE B 134 21.14 -9.99 16.24
N THR B 135 21.22 -9.05 15.29
CA THR B 135 21.90 -9.30 14.03
C THR B 135 23.40 -9.57 14.28
N ARG B 136 24.01 -8.79 15.17
CA ARG B 136 25.41 -8.97 15.49
C ARG B 136 25.69 -10.34 16.10
N ASP B 137 24.78 -10.83 16.93
CA ASP B 137 24.92 -12.15 17.53
C ASP B 137 24.97 -13.22 16.45
N PHE B 138 24.03 -13.14 15.53
CA PHE B 138 23.99 -14.09 14.45
C PHE B 138 25.27 -14.08 13.60
N ALA B 139 25.69 -12.89 13.19
CA ALA B 139 26.90 -12.76 12.37
C ALA B 139 28.11 -13.37 13.10
N ASP B 140 28.27 -13.04 14.38
CA ASP B 140 29.40 -13.53 15.16
C ASP B 140 29.38 -15.06 15.27
N ALA B 141 28.23 -15.62 15.62
CA ALA B 141 28.08 -17.08 15.71
C ALA B 141 28.38 -17.71 14.37
N ILE B 142 27.90 -17.10 13.29
CA ILE B 142 28.09 -17.66 11.97
C ILE B 142 29.56 -17.65 11.58
N LEU B 143 30.22 -16.51 11.74
CA LEU B 143 31.63 -16.36 11.39
C LEU B 143 32.50 -17.30 12.22
N LYS B 144 32.31 -17.27 13.54
CA LYS B 144 33.05 -18.16 14.44
C LYS B 144 32.93 -19.59 13.95
N SER B 145 31.71 -20.00 13.66
CA SER B 145 31.42 -21.36 13.25
C SER B 145 32.12 -21.71 11.95
N SER B 146 32.48 -20.70 11.18
CA SER B 146 33.09 -20.92 9.89
C SER B 146 34.55 -20.49 9.86
N ALA B 147 35.13 -20.18 11.01
CA ALA B 147 36.50 -19.64 11.08
C ALA B 147 37.57 -20.51 10.42
N GLN B 148 37.43 -21.83 10.50
CA GLN B 148 38.46 -22.72 9.96
C GLN B 148 38.32 -22.85 8.46
N SER B 149 37.08 -22.68 7.98
CA SER B 149 36.73 -22.92 6.58
C SER B 149 37.40 -21.96 5.59
N ALA B 150 38.02 -22.52 4.56
CA ALA B 150 38.76 -21.72 3.60
C ALA B 150 37.82 -21.04 2.63
N ASP B 151 36.73 -21.72 2.30
CA ASP B 151 35.76 -21.21 1.34
C ASP B 151 34.32 -21.45 1.77
N PRO B 152 33.92 -20.80 2.86
CA PRO B 152 32.56 -20.96 3.40
C PRO B 152 31.48 -20.48 2.44
N VAL B 153 30.44 -21.27 2.31
CA VAL B 153 29.26 -20.86 1.54
C VAL B 153 28.17 -20.49 2.54
N TYR B 154 27.68 -19.26 2.48
CA TYR B 154 26.66 -18.84 3.44
C TYR B 154 25.23 -18.78 2.85
N LEU B 155 24.31 -19.45 3.51
CA LEU B 155 22.90 -19.45 3.14
C LEU B 155 22.13 -18.90 4.32
N VAL B 156 21.65 -17.67 4.20
CA VAL B 156 20.93 -17.01 5.28
C VAL B 156 19.44 -16.99 4.96
N HIS B 157 18.62 -17.49 5.88
CA HIS B 157 17.20 -17.65 5.61
C HIS B 157 16.26 -16.83 6.43
N ASP B 158 15.39 -16.11 5.73
CA ASP B 158 14.24 -15.38 6.29
C ASP B 158 14.51 -13.96 6.77
N TYR B 159 13.41 -13.24 7.03
CA TYR B 159 13.42 -11.80 7.29
C TYR B 159 14.17 -11.37 8.55
N GLN B 160 14.13 -12.20 9.59
CA GLN B 160 14.76 -11.88 10.86
C GLN B 160 16.25 -11.67 10.68
N LEU B 161 16.83 -12.37 9.71
CA LEU B 161 18.26 -12.29 9.44
C LEU B 161 18.65 -11.25 8.39
N VAL B 162 17.70 -10.44 7.91
CA VAL B 162 18.02 -9.49 6.85
C VAL B 162 19.27 -8.68 7.07
N GLY B 163 19.63 -8.39 8.32
CA GLY B 163 20.84 -7.59 8.54
C GLY B 163 22.16 -8.34 8.42
N VAL B 164 22.09 -9.67 8.40
CA VAL B 164 23.26 -10.51 8.53
C VAL B 164 24.23 -10.41 7.35
N PRO B 165 23.72 -10.39 6.11
CA PRO B 165 24.65 -10.41 4.99
C PRO B 165 25.70 -9.31 5.01
N ALA B 166 25.34 -8.08 5.38
CA ALA B 166 26.32 -7.00 5.36
C ALA B 166 27.48 -7.31 6.33
N LEU B 167 27.15 -7.81 7.51
CA LEU B 167 28.15 -8.15 8.52
C LEU B 167 29.02 -9.33 8.08
N LEU B 168 28.40 -10.33 7.43
CA LEU B 168 29.19 -11.44 6.86
C LEU B 168 30.13 -10.91 5.80
N ARG B 169 29.64 -10.01 4.95
CA ARG B 169 30.46 -9.52 3.85
C ARG B 169 31.68 -8.75 4.35
N GLU B 170 31.50 -7.97 5.42
CA GLU B 170 32.60 -7.21 6.01
C GLU B 170 33.81 -8.11 6.37
N GLN B 171 33.53 -9.25 6.98
CA GLN B 171 34.57 -10.18 7.42
C GLN B 171 35.01 -11.10 6.28
N ARG B 172 34.15 -11.35 5.32
CA ARG B 172 34.42 -12.34 4.29
C ARG B 172 34.07 -11.83 2.91
N PRO B 173 34.87 -10.89 2.40
CA PRO B 173 34.56 -10.14 1.17
C PRO B 173 34.33 -11.03 -0.05
N ASP B 174 34.81 -12.27 -0.03
CA ASP B 174 34.76 -13.12 -1.23
C ASP B 174 33.85 -14.32 -1.08
N ALA B 175 33.15 -14.42 0.06
CA ALA B 175 32.23 -15.54 0.27
C ALA B 175 30.92 -15.40 -0.54
N PRO B 176 30.43 -16.53 -1.07
CA PRO B 176 29.07 -16.64 -1.59
C PRO B 176 28.09 -16.47 -0.43
N ILE B 177 27.26 -15.43 -0.52
CA ILE B 177 26.24 -15.23 0.49
C ILE B 177 24.88 -15.18 -0.19
N LEU B 178 24.00 -16.12 0.18
CA LEU B 178 22.59 -16.06 -0.23
C LEU B 178 21.74 -15.69 0.97
N LEU B 179 20.88 -14.69 0.79
CA LEU B 179 19.78 -14.38 1.69
C LEU B 179 18.44 -14.83 1.04
N PHE B 180 17.67 -15.67 1.73
CA PHE B 180 16.36 -16.02 1.20
C PHE B 180 15.29 -15.49 2.12
N VAL B 181 14.36 -14.76 1.53
CA VAL B 181 13.30 -14.14 2.28
C VAL B 181 12.03 -14.91 1.96
N HIS B 182 11.31 -15.30 3.00
CA HIS B 182 10.22 -16.23 2.84
C HIS B 182 8.87 -15.52 2.78
N ILE B 183 8.90 -14.20 2.91
CA ILE B 183 7.69 -13.39 3.00
C ILE B 183 7.69 -12.35 1.88
N PRO B 184 6.57 -11.63 1.73
CA PRO B 184 6.54 -10.76 0.56
C PRO B 184 7.52 -9.61 0.74
N TRP B 185 7.83 -8.92 -0.35
CA TRP B 185 8.37 -7.57 -0.27
C TRP B 185 7.30 -6.57 -0.73
N PRO B 186 7.08 -5.50 0.03
CA PRO B 186 6.02 -4.57 -0.34
C PRO B 186 6.43 -3.50 -1.36
N SER B 187 5.47 -2.92 -2.06
CA SER B 187 5.68 -1.77 -2.92
C SER B 187 6.58 -0.72 -2.27
N ALA B 188 7.36 -0.04 -3.11
CA ALA B 188 8.20 1.07 -2.63
C ALA B 188 7.41 2.07 -1.75
N ASP B 189 6.19 2.43 -2.13
CA ASP B 189 5.48 3.45 -1.32
C ASP B 189 5.11 2.92 0.07
N TYR B 190 4.83 1.62 0.12
CA TYR B 190 4.44 1.00 1.37
C TYR B 190 5.72 0.76 2.20
N TRP B 191 6.76 0.26 1.55
CA TRP B 191 8.00 -0.03 2.28
C TRP B 191 8.51 1.21 3.00
N ARG B 192 8.40 2.37 2.37
CA ARG B 192 8.90 3.60 2.97
C ARG B 192 8.02 4.19 4.08
N ILE B 193 6.91 3.52 4.41
CA ILE B 193 6.20 3.84 5.63
C ILE B 193 7.16 3.81 6.86
N LEU B 194 8.05 2.81 6.90
CA LEU B 194 8.98 2.61 7.97
C LEU B 194 9.86 3.85 8.22
N PRO B 195 10.26 4.09 9.49
CA PRO B 195 11.24 5.15 9.83
C PRO B 195 12.46 5.08 8.96
N LYS B 196 12.97 6.26 8.62
CA LYS B 196 14.16 6.38 7.78
C LYS B 196 15.29 5.42 8.11
N GLU B 197 15.65 5.25 9.38
CA GLU B 197 16.85 4.46 9.69
C GLU B 197 16.56 2.96 9.46
N ILE B 198 15.30 2.55 9.58
CA ILE B 198 14.94 1.17 9.34
C ILE B 198 14.77 0.84 7.83
N ARG B 199 14.17 1.75 7.08
CA ARG B 199 13.81 1.45 5.71
C ARG B 199 15.06 1.47 4.88
N THR B 200 16.05 2.28 5.25
CA THR B 200 17.34 2.26 4.51
C THR B 200 18.24 1.19 5.16
N GLY B 201 18.32 1.21 6.49
CA GLY B 201 19.15 0.24 7.20
C GLY B 201 18.90 -1.22 6.83
N ILE B 202 17.66 -1.61 6.60
CA ILE B 202 17.41 -3.02 6.23
C ILE B 202 17.96 -3.27 4.80
N LEU B 203 17.85 -2.26 3.95
CA LEU B 203 18.37 -2.43 2.59
C LEU B 203 19.90 -2.52 2.62
N HIS B 204 20.53 -1.77 3.52
CA HIS B 204 22.00 -1.82 3.69
C HIS B 204 22.48 -3.21 4.11
N GLY B 205 21.70 -3.88 4.92
CA GLY B 205 22.05 -5.18 5.43
C GLY B 205 21.90 -6.30 4.41
N MET B 206 20.96 -6.16 3.46
CA MET B 206 20.61 -7.22 2.51
C MET B 206 21.51 -7.20 1.28
N LEU B 207 21.74 -6.01 0.75
CA LEU B 207 22.37 -5.81 -0.55
C LEU B 207 23.77 -6.40 -0.74
N PRO B 208 24.59 -6.44 0.33
CA PRO B 208 25.88 -7.10 0.17
C PRO B 208 25.79 -8.62 -0.06
N ALA B 209 24.62 -9.25 0.09
CA ALA B 209 24.49 -10.66 -0.29
C ALA B 209 24.84 -10.80 -1.75
N THR B 210 25.30 -11.98 -2.17
CA THR B 210 25.60 -12.25 -3.57
C THR B 210 24.28 -12.37 -4.28
N THR B 211 23.35 -13.03 -3.60
CA THR B 211 22.06 -13.38 -4.16
C THR B 211 20.99 -13.16 -3.09
N ILE B 212 19.91 -12.48 -3.47
CA ILE B 212 18.73 -12.37 -2.63
C ILE B 212 17.59 -13.11 -3.30
N GLY B 213 17.05 -14.09 -2.61
CA GLY B 213 15.95 -14.83 -3.20
C GLY B 213 14.62 -14.59 -2.53
N PHE B 214 13.55 -14.60 -3.35
CA PHE B 214 12.16 -14.52 -2.89
C PHE B 214 11.36 -15.64 -3.54
N PHE B 215 10.19 -15.95 -3.03
CA PHE B 215 9.38 -16.99 -3.62
C PHE B 215 8.67 -16.57 -4.94
N ALA B 216 8.58 -15.26 -5.23
CA ALA B 216 7.73 -14.78 -6.30
C ALA B 216 8.35 -13.58 -7.00
N ASP B 217 8.09 -13.48 -8.31
CA ASP B 217 8.62 -12.37 -9.10
C ASP B 217 8.18 -10.99 -8.56
N ARG B 218 6.95 -10.89 -8.07
CA ARG B 218 6.38 -9.62 -7.62
C ARG B 218 7.19 -9.12 -6.46
N TRP B 219 7.65 -10.06 -5.64
CA TRP B 219 8.47 -9.65 -4.47
C TRP B 219 9.83 -9.11 -4.94
N CYS B 220 10.48 -9.80 -5.88
CA CYS B 220 11.74 -9.23 -6.49
C CYS B 220 11.52 -7.83 -7.08
N ARG B 221 10.39 -7.61 -7.74
CA ARG B 221 10.16 -6.35 -8.42
C ARG B 221 10.02 -5.27 -7.37
N ASN B 222 9.21 -5.55 -6.34
CA ASN B 222 8.98 -4.61 -5.26
C ASN B 222 10.25 -4.28 -4.51
N PHE B 223 11.03 -5.31 -4.23
CA PHE B 223 12.35 -5.06 -3.66
C PHE B 223 13.15 -4.08 -4.49
N LEU B 224 13.22 -4.31 -5.81
CA LEU B 224 14.07 -3.51 -6.67
C LEU B 224 13.56 -2.06 -6.70
N GLU B 225 12.23 -1.89 -6.71
CA GLU B 225 11.66 -0.55 -6.66
C GLU B 225 11.99 0.15 -5.33
N SER B 226 12.04 -0.61 -4.25
CA SER B 226 12.31 -0.02 -2.93
C SER B 226 13.76 0.47 -2.94
N VAL B 227 14.64 -0.39 -3.44
CA VAL B 227 16.06 0.02 -3.58
C VAL B 227 16.16 1.29 -4.43
N ALA B 228 15.57 1.28 -5.61
CA ALA B 228 15.64 2.43 -6.48
C ALA B 228 15.12 3.70 -5.82
N ASP B 229 14.09 3.55 -4.98
CA ASP B 229 13.37 4.67 -4.41
C ASP B 229 14.18 5.32 -3.29
N LEU B 230 14.84 4.48 -2.51
CA LEU B 230 15.52 4.93 -1.29
C LEU B 230 17.04 5.13 -1.36
N LEU B 231 17.73 4.44 -2.27
CA LEU B 231 19.21 4.55 -2.32
C LEU B 231 19.57 5.19 -3.64
N PRO B 232 19.67 6.52 -3.66
CA PRO B 232 19.92 7.25 -4.91
C PRO B 232 21.27 6.84 -5.56
N ASP B 233 22.14 6.19 -4.80
CA ASP B 233 23.42 5.75 -5.32
C ASP B 233 23.38 4.32 -5.88
N ALA B 234 22.23 3.65 -5.77
CA ALA B 234 22.12 2.29 -6.31
C ALA B 234 21.65 2.35 -7.76
N ARG B 235 22.08 1.38 -8.57
CA ARG B 235 21.52 1.23 -9.92
C ARG B 235 20.83 -0.10 -10.05
N ILE B 236 19.54 -0.07 -10.42
CA ILE B 236 18.83 -1.33 -10.58
C ILE B 236 18.69 -1.63 -12.07
N ASP B 237 18.61 -2.91 -12.41
CA ASP B 237 18.27 -3.34 -13.75
C ASP B 237 17.09 -4.30 -13.65
N ARG B 238 15.93 -3.83 -14.04
CA ARG B 238 14.73 -4.64 -13.96
C ARG B 238 14.74 -5.88 -14.86
N GLU B 239 15.46 -5.84 -15.98
CA GLU B 239 15.49 -7.00 -16.85
C GLU B 239 16.43 -8.08 -16.32
N ALA B 240 17.63 -7.64 -15.94
CA ALA B 240 18.66 -8.52 -15.42
C ALA B 240 18.35 -8.92 -13.97
N MET B 241 17.52 -8.12 -13.32
CA MET B 241 17.20 -8.38 -11.93
C MET B 241 18.48 -8.17 -11.11
N THR B 242 19.10 -7.00 -11.25
CA THR B 242 20.28 -6.75 -10.45
C THR B 242 20.32 -5.36 -9.84
N VAL B 243 21.15 -5.26 -8.81
CA VAL B 243 21.42 -4.02 -8.16
C VAL B 243 22.93 -3.84 -8.10
N GLU B 244 23.39 -2.62 -8.41
CA GLU B 244 24.77 -2.29 -8.19
C GLU B 244 24.77 -1.10 -7.29
N TRP B 245 25.53 -1.24 -6.22
CA TRP B 245 25.47 -0.30 -5.14
C TRP B 245 26.81 -0.38 -4.44
N ARG B 246 27.48 0.78 -4.36
CA ARG B 246 28.76 0.88 -3.68
C ARG B 246 29.71 -0.28 -3.98
N GLY B 247 29.84 -0.62 -5.27
CA GLY B 247 30.67 -1.73 -5.69
C GLY B 247 30.06 -3.10 -5.37
N HIS B 248 28.89 -3.12 -4.75
CA HIS B 248 28.17 -4.37 -4.50
C HIS B 248 27.33 -4.67 -5.75
N ARG B 249 27.54 -5.83 -6.36
CA ARG B 249 26.59 -6.32 -7.36
C ARG B 249 25.75 -7.44 -6.76
N THR B 250 24.44 -7.25 -6.76
CA THR B 250 23.50 -8.18 -6.12
C THR B 250 22.53 -8.72 -7.19
N ARG B 251 22.36 -10.04 -7.22
CA ARG B 251 21.38 -10.65 -8.11
C ARG B 251 20.10 -10.99 -7.33
N LEU B 252 18.93 -10.61 -7.85
CA LEU B 252 17.64 -11.07 -7.31
C LEU B 252 17.13 -12.30 -8.06
N ARG B 253 16.70 -13.33 -7.33
CA ARG B 253 16.13 -14.50 -7.97
C ARG B 253 14.81 -14.89 -7.35
N THR B 254 13.92 -15.38 -8.22
CA THR B 254 12.69 -16.03 -7.76
C THR B 254 12.95 -17.54 -7.71
N MET B 255 12.74 -18.14 -6.53
CA MET B 255 12.90 -19.60 -6.32
C MET B 255 11.69 -20.06 -5.58
N PRO B 256 10.65 -20.42 -6.33
CA PRO B 256 9.39 -20.93 -5.77
C PRO B 256 9.61 -22.27 -5.06
N LEU B 257 8.83 -22.47 -4.00
CA LEU B 257 8.80 -23.69 -3.21
C LEU B 257 7.32 -24.08 -3.11
N GLY B 258 7.03 -25.38 -3.18
CA GLY B 258 5.66 -25.83 -3.02
C GLY B 258 5.42 -26.64 -1.78
N TYR B 259 6.29 -27.62 -1.54
CA TYR B 259 5.99 -28.59 -0.51
C TYR B 259 7.11 -29.59 -0.28
N SER B 260 7.07 -30.23 0.87
CA SER B 260 8.00 -31.29 1.19
C SER B 260 7.33 -32.65 1.03
N PRO B 261 7.82 -33.46 0.09
CA PRO B 261 7.33 -34.82 -0.16
C PRO B 261 7.01 -35.61 1.12
N LEU B 262 7.64 -35.23 2.23
CA LEU B 262 7.40 -35.88 3.52
C LEU B 262 6.03 -35.61 4.15
N THR B 263 5.22 -34.78 3.50
CA THR B 263 3.88 -34.50 4.01
C THR B 263 2.91 -35.62 3.59
N GLN B 270 -5.81 -38.39 10.72
CA GLN B 270 -7.23 -38.43 11.08
C GLN B 270 -7.75 -37.05 11.44
N LEU B 271 -9.07 -36.90 11.38
CA LEU B 271 -9.73 -35.62 11.57
C LEU B 271 -9.78 -35.24 13.03
N PRO B 272 -9.92 -33.95 13.31
CA PRO B 272 -10.09 -33.48 14.69
C PRO B 272 -11.38 -34.05 15.28
N GLU B 273 -11.43 -34.17 16.60
CA GLU B 273 -12.57 -34.77 17.27
C GLU B 273 -13.92 -34.26 16.78
N GLY B 274 -14.77 -35.17 16.32
CA GLY B 274 -16.14 -34.85 15.95
C GLY B 274 -16.33 -34.22 14.59
N ILE B 275 -15.24 -33.94 13.88
CA ILE B 275 -15.34 -33.27 12.58
C ILE B 275 -15.94 -34.17 11.52
N GLU B 276 -15.47 -35.41 11.48
CA GLU B 276 -16.00 -36.37 10.52
C GLU B 276 -17.50 -36.59 10.62
N GLU B 277 -18.01 -36.81 11.82
CA GLU B 277 -19.44 -37.05 11.97
C GLU B 277 -20.21 -35.76 11.69
N TRP B 278 -19.70 -34.64 12.20
CA TRP B 278 -20.28 -33.34 11.86
C TRP B 278 -20.30 -33.07 10.35
N ALA B 279 -19.22 -33.44 9.66
CA ALA B 279 -19.15 -33.27 8.20
C ALA B 279 -19.92 -34.30 7.36
N ASP B 280 -20.20 -35.47 7.94
CA ASP B 280 -20.80 -36.57 7.19
C ASP B 280 -22.15 -36.19 6.62
N GLY B 281 -22.37 -36.58 5.36
CA GLY B 281 -23.59 -36.21 4.66
C GLY B 281 -23.57 -34.80 4.10
N HIS B 282 -22.48 -34.09 4.28
CA HIS B 282 -22.37 -32.74 3.75
C HIS B 282 -21.12 -32.57 2.89
N ARG B 283 -21.20 -31.69 1.91
CA ARG B 283 -19.98 -31.19 1.28
C ARG B 283 -19.24 -30.29 2.27
N LEU B 284 -17.92 -30.39 2.31
CA LEU B 284 -17.12 -29.66 3.30
C LEU B 284 -16.21 -28.61 2.66
N VAL B 285 -16.47 -27.35 2.96
CA VAL B 285 -15.58 -26.28 2.56
C VAL B 285 -14.53 -26.11 3.65
N VAL B 286 -13.25 -26.20 3.27
CA VAL B 286 -12.16 -26.06 4.21
C VAL B 286 -11.22 -24.87 3.93
N HIS B 287 -11.02 -24.06 4.97
CA HIS B 287 -10.05 -22.97 4.93
C HIS B 287 -9.10 -23.24 6.04
N SER B 288 -7.80 -23.12 5.78
CA SER B 288 -6.79 -23.44 6.76
C SER B 288 -5.66 -22.42 6.75
N GLY B 289 -5.24 -22.01 7.95
CA GLY B 289 -4.06 -21.18 8.08
C GLY B 289 -3.83 -20.86 9.54
N ARG B 290 -2.64 -20.39 9.85
CA ARG B 290 -2.34 -19.91 11.20
C ARG B 290 -3.25 -18.76 11.57
N THR B 291 -3.29 -18.48 12.88
CA THR B 291 -4.12 -17.41 13.41
C THR B 291 -3.37 -16.10 13.11
N ASP B 292 -3.34 -15.73 11.81
CA ASP B 292 -2.61 -14.56 11.36
C ASP B 292 -3.56 -13.81 10.44
N PRO B 293 -3.68 -12.48 10.58
CA PRO B 293 -4.69 -11.80 9.79
C PRO B 293 -4.54 -11.96 8.25
N ILE B 294 -3.31 -12.17 7.76
CA ILE B 294 -3.14 -12.36 6.34
C ILE B 294 -3.93 -13.58 5.81
N LYS B 295 -4.35 -14.48 6.68
CA LYS B 295 -4.88 -15.74 6.17
C LYS B 295 -6.33 -15.53 5.72
N ASN B 296 -6.93 -14.43 6.17
CA ASN B 296 -8.20 -13.99 5.56
C ASN B 296 -9.45 -14.87 5.73
N ALA B 297 -9.56 -15.56 6.86
CA ALA B 297 -10.63 -16.52 7.08
C ALA B 297 -11.95 -15.78 7.36
N GLU B 298 -11.88 -14.59 7.91
CA GLU B 298 -13.07 -13.80 8.11
C GLU B 298 -13.75 -13.58 6.79
N ARG B 299 -12.98 -13.09 5.81
CA ARG B 299 -13.60 -12.82 4.51
C ARG B 299 -14.04 -14.09 3.84
N ALA B 300 -13.30 -15.18 4.06
CA ALA B 300 -13.70 -16.48 3.50
C ALA B 300 -15.10 -16.84 3.98
N VAL B 301 -15.31 -16.72 5.30
CA VAL B 301 -16.62 -17.01 5.90
C VAL B 301 -17.73 -16.10 5.34
N ARG B 302 -17.48 -14.80 5.23
CA ARG B 302 -18.52 -13.89 4.73
C ARG B 302 -18.86 -14.25 3.30
N ALA B 303 -17.84 -14.66 2.55
CA ALA B 303 -18.03 -15.02 1.16
C ALA B 303 -18.87 -16.29 1.09
N PHE B 304 -18.62 -17.23 2.01
CA PHE B 304 -19.42 -18.48 2.08
C PHE B 304 -20.87 -18.14 2.38
N VAL B 305 -21.06 -17.24 3.26
CA VAL B 305 -22.42 -16.81 3.59
C VAL B 305 -23.13 -16.17 2.40
N LEU B 306 -22.45 -15.32 1.66
CA LEU B 306 -23.03 -14.72 0.47
C LEU B 306 -23.34 -15.81 -0.55
N ALA B 307 -22.46 -16.80 -0.67
CA ALA B 307 -22.70 -17.88 -1.64
C ALA B 307 -23.96 -18.62 -1.25
N ALA B 308 -24.10 -18.90 0.04
CA ALA B 308 -25.23 -19.67 0.54
C ALA B 308 -26.58 -18.97 0.28
N ARG B 309 -26.64 -17.65 0.51
CA ARG B 309 -27.79 -16.85 0.13
C ARG B 309 -28.20 -17.08 -1.33
N GLY B 310 -27.21 -17.34 -2.20
CA GLY B 310 -27.52 -17.62 -3.60
C GLY B 310 -28.23 -18.96 -3.79
N GLY B 311 -28.14 -19.83 -2.78
CA GLY B 311 -28.77 -21.14 -2.83
C GLY B 311 -27.90 -22.20 -3.47
N GLY B 312 -28.26 -23.46 -3.26
CA GLY B 312 -27.49 -24.57 -3.80
C GLY B 312 -26.48 -25.12 -2.81
N LEU B 313 -26.38 -24.46 -1.66
CA LEU B 313 -25.38 -24.80 -0.66
C LEU B 313 -26.02 -25.45 0.59
N GLU B 314 -27.27 -25.87 0.45
CA GLU B 314 -28.02 -26.42 1.59
C GLU B 314 -27.39 -27.62 2.30
N LYS B 315 -26.69 -28.48 1.56
CA LYS B 315 -26.04 -29.60 2.24
C LYS B 315 -24.55 -29.34 2.38
N THR B 316 -24.18 -28.07 2.60
CA THR B 316 -22.76 -27.74 2.67
C THR B 316 -22.35 -27.14 4.01
N ARG B 317 -21.19 -27.57 4.48
CA ARG B 317 -20.62 -27.05 5.72
C ARG B 317 -19.22 -26.48 5.48
N MET B 318 -18.75 -25.65 6.41
CA MET B 318 -17.47 -25.00 6.27
C MET B 318 -16.71 -25.15 7.58
N LEU B 319 -15.46 -25.55 7.45
CA LEU B 319 -14.60 -25.70 8.60
C LEU B 319 -13.52 -24.65 8.45
N VAL B 320 -13.30 -23.91 9.53
CA VAL B 320 -12.19 -22.97 9.57
C VAL B 320 -11.12 -23.59 10.44
N ARG B 321 -10.08 -24.09 9.81
CA ARG B 321 -9.03 -24.79 10.52
C ARG B 321 -7.91 -23.80 10.76
N MET B 322 -7.59 -23.53 12.03
CA MET B 322 -6.55 -22.59 12.37
C MET B 322 -5.50 -23.23 13.26
N ASN B 323 -4.26 -22.81 13.09
CA ASN B 323 -3.17 -23.26 13.92
C ASN B 323 -2.72 -22.07 14.78
N PRO B 324 -2.86 -22.17 16.10
CA PRO B 324 -2.61 -21.00 16.95
C PRO B 324 -1.16 -20.56 16.86
N ASN B 325 -0.96 -19.27 16.60
CA ASN B 325 0.38 -18.71 16.56
C ASN B 325 0.37 -17.24 16.95
N ARG B 326 1.30 -16.83 17.78
CA ARG B 326 1.51 -15.43 18.10
C ARG B 326 0.22 -14.77 18.60
N LEU B 327 -0.54 -15.49 19.40
CA LEU B 327 -1.80 -14.95 19.91
C LEU B 327 -1.60 -13.74 20.82
N TYR B 328 -0.39 -13.59 21.35
CA TYR B 328 -0.10 -12.46 22.23
C TYR B 328 -0.08 -11.17 21.41
N VAL B 329 0.07 -11.28 20.08
CA VAL B 329 0.07 -10.10 19.23
C VAL B 329 -1.38 -9.64 19.07
N PRO B 330 -1.67 -8.37 19.40
CA PRO B 330 -3.05 -7.89 19.28
C PRO B 330 -3.71 -8.16 17.93
N ALA B 331 -2.99 -7.94 16.83
CA ALA B 331 -3.58 -8.14 15.49
C ALA B 331 -4.05 -9.60 15.27
N ASN B 332 -3.25 -10.57 15.70
CA ASN B 332 -3.59 -11.99 15.64
C ASN B 332 -4.81 -12.31 16.52
N ALA B 333 -4.79 -11.86 17.77
CA ALA B 333 -5.92 -12.07 18.63
C ALA B 333 -7.17 -11.45 18.02
N ASP B 334 -7.05 -10.21 17.54
CA ASP B 334 -8.17 -9.53 16.96
C ASP B 334 -8.67 -10.29 15.70
N TYR B 335 -7.77 -10.82 14.91
CA TYR B 335 -8.18 -11.67 13.78
C TYR B 335 -9.00 -12.90 14.25
N VAL B 336 -8.57 -13.54 15.32
CA VAL B 336 -9.35 -14.69 15.80
C VAL B 336 -10.73 -14.19 16.25
N HIS B 337 -10.75 -13.02 16.87
CA HIS B 337 -12.01 -12.47 17.32
C HIS B 337 -12.95 -12.14 16.15
N ARG B 338 -12.41 -11.61 15.07
CA ARG B 338 -13.24 -11.29 13.91
C ARG B 338 -13.75 -12.55 13.21
N VAL B 339 -12.88 -13.56 13.12
CA VAL B 339 -13.29 -14.87 12.60
C VAL B 339 -14.43 -15.53 13.41
N GLU B 340 -14.28 -15.59 14.73
CA GLU B 340 -15.35 -16.08 15.62
C GLU B 340 -16.68 -15.36 15.42
N THR B 341 -16.62 -14.02 15.38
CA THR B 341 -17.78 -13.22 15.12
C THR B 341 -18.46 -13.59 13.80
N ALA B 342 -17.68 -13.65 12.73
CA ALA B 342 -18.26 -13.97 11.41
C ALA B 342 -18.81 -15.41 11.44
N VAL B 343 -18.11 -16.34 12.10
CA VAL B 343 -18.61 -17.72 12.19
C VAL B 343 -19.91 -17.72 13.04
N ALA B 344 -19.90 -17.07 14.20
CA ALA B 344 -21.17 -16.99 14.93
C ALA B 344 -22.28 -16.42 14.05
N GLU B 345 -22.03 -15.34 13.32
CA GLU B 345 -23.08 -14.71 12.50
C GLU B 345 -23.52 -15.58 11.31
N ALA B 346 -22.62 -16.43 10.82
CA ALA B 346 -22.93 -17.33 9.71
C ALA B 346 -23.94 -18.38 10.17
N ASN B 347 -23.67 -18.97 11.34
CA ASN B 347 -24.58 -19.95 11.95
C ASN B 347 -25.98 -19.39 12.25
N ALA B 348 -26.00 -18.23 12.88
CA ALA B 348 -27.28 -17.57 13.19
C ALA B 348 -28.13 -17.32 11.96
N GLU B 349 -27.50 -17.06 10.83
CA GLU B 349 -28.29 -16.76 9.65
C GLU B 349 -28.60 -18.02 8.86
N LEU B 350 -27.61 -18.91 8.78
CA LEU B 350 -27.68 -20.05 7.88
C LEU B 350 -28.29 -21.26 8.59
N GLY B 351 -28.11 -21.32 9.90
CA GLY B 351 -28.53 -22.46 10.67
C GLY B 351 -27.42 -22.92 11.58
N SER B 352 -27.80 -23.38 12.76
CA SER B 352 -26.87 -23.90 13.76
C SER B 352 -25.86 -24.87 13.17
N ASP B 353 -24.61 -24.71 13.54
CA ASP B 353 -23.57 -25.66 13.17
C ASP B 353 -23.33 -25.77 11.66
N THR B 354 -23.63 -24.70 10.92
CA THR B 354 -23.24 -24.67 9.50
C THR B 354 -21.72 -24.48 9.38
N VAL B 355 -21.14 -23.72 10.30
CA VAL B 355 -19.72 -23.38 10.23
C VAL B 355 -19.05 -23.65 11.55
N ARG B 356 -17.91 -24.31 11.51
CA ARG B 356 -17.18 -24.55 12.73
C ARG B 356 -15.75 -24.07 12.59
N ILE B 357 -15.17 -23.65 13.72
CA ILE B 357 -13.76 -23.37 13.80
C ILE B 357 -13.15 -24.50 14.59
N ASP B 358 -12.02 -24.99 14.11
CA ASP B 358 -11.25 -25.95 14.86
C ASP B 358 -9.86 -25.37 14.94
N ASN B 359 -9.47 -24.93 16.13
CA ASN B 359 -8.25 -24.16 16.28
C ASN B 359 -7.30 -24.89 17.21
N ASP B 360 -6.30 -25.53 16.61
CA ASP B 360 -5.41 -26.39 17.38
C ASP B 360 -4.15 -26.59 16.58
N ASN B 361 -3.04 -26.78 17.28
CA ASN B 361 -1.78 -27.07 16.63
C ASN B 361 -1.53 -28.60 16.45
N ASP B 362 -2.08 -29.19 15.38
CA ASP B 362 -1.81 -30.59 15.02
C ASP B 362 -1.79 -30.76 13.50
N VAL B 363 -0.59 -30.72 12.93
CA VAL B 363 -0.40 -30.73 11.49
C VAL B 363 -1.08 -31.95 10.84
N ASN B 364 -1.11 -33.10 11.52
CA ASN B 364 -1.80 -34.28 10.98
C ASN B 364 -3.31 -34.05 10.84
N HIS B 365 -3.90 -33.43 11.86
CA HIS B 365 -5.30 -33.04 11.76
C HIS B 365 -5.50 -32.18 10.48
N THR B 366 -4.57 -31.27 10.19
CA THR B 366 -4.85 -30.34 9.11
C THR B 366 -4.78 -31.10 7.81
N ILE B 367 -3.74 -31.92 7.66
CA ILE B 367 -3.66 -32.80 6.49
C ILE B 367 -4.94 -33.64 6.31
N ALA B 368 -5.54 -34.10 7.42
CA ALA B 368 -6.79 -34.88 7.32
C ALA B 368 -7.88 -33.99 6.74
N CYS B 369 -7.92 -32.74 7.20
CA CYS B 369 -8.87 -31.77 6.68
C CYS B 369 -8.70 -31.57 5.18
N PHE B 370 -7.45 -31.52 4.73
CA PHE B 370 -7.12 -31.38 3.29
C PHE B 370 -7.66 -32.54 2.44
N ARG B 371 -7.44 -33.77 2.92
CA ARG B 371 -7.97 -34.97 2.24
C ARG B 371 -9.51 -34.99 2.11
N ARG B 372 -10.17 -34.61 3.21
CA ARG B 372 -11.61 -34.64 3.33
C ARG B 372 -12.34 -33.52 2.58
N ALA B 373 -11.65 -32.43 2.24
CA ALA B 373 -12.33 -31.26 1.68
C ALA B 373 -12.94 -31.52 0.31
N ASP B 374 -14.14 -31.00 0.13
CA ASP B 374 -14.76 -30.89 -1.17
C ASP B 374 -14.51 -29.50 -1.82
N LEU B 375 -14.02 -28.52 -1.05
CA LEU B 375 -13.55 -27.24 -1.62
C LEU B 375 -12.47 -26.69 -0.70
N LEU B 376 -11.32 -26.32 -1.28
CA LEU B 376 -10.21 -25.78 -0.49
C LEU B 376 -10.16 -24.24 -0.71
N ILE B 377 -10.05 -23.47 0.37
CA ILE B 377 -9.93 -22.00 0.24
C ILE B 377 -8.65 -21.49 0.90
N PHE B 378 -7.78 -20.92 0.08
CA PHE B 378 -6.55 -20.29 0.52
C PHE B 378 -6.55 -18.84 0.01
N ASN B 379 -7.36 -18.00 0.62
CA ASN B 379 -7.63 -16.70 0.04
C ASN B 379 -6.85 -15.55 0.73
N SER B 380 -5.56 -15.77 1.03
CA SER B 380 -4.79 -14.87 1.91
C SER B 380 -4.84 -13.43 1.40
N THR B 381 -4.81 -12.45 2.29
CA THR B 381 -4.74 -11.05 1.84
C THR B 381 -3.43 -10.83 1.14
N VAL B 382 -2.41 -11.53 1.61
CA VAL B 382 -1.11 -11.59 0.97
C VAL B 382 -0.38 -12.76 1.59
N ASP B 383 0.58 -13.31 0.87
CA ASP B 383 1.32 -14.44 1.39
C ASP B 383 2.61 -14.60 0.63
N GLY B 384 3.72 -14.72 1.36
CA GLY B 384 4.99 -14.95 0.72
C GLY B 384 4.93 -16.05 -0.35
N GLN B 385 4.44 -17.21 0.03
CA GLN B 385 4.18 -18.24 -0.97
C GLN B 385 2.86 -18.92 -0.68
N ASN B 386 2.82 -19.60 0.45
CA ASN B 386 1.70 -20.40 0.86
C ASN B 386 1.94 -21.79 0.30
N LEU B 387 2.47 -22.65 1.17
CA LEU B 387 2.73 -24.04 0.82
C LEU B 387 1.46 -24.89 0.93
N SER B 388 0.47 -24.42 1.70
CA SER B 388 -0.70 -25.23 1.95
C SER B 388 -1.43 -25.46 0.63
N THR B 389 -1.41 -24.45 -0.22
CA THR B 389 -2.17 -24.54 -1.47
C THR B 389 -1.52 -25.53 -2.46
N PHE B 390 -0.25 -25.89 -2.24
CA PHE B 390 0.42 -26.97 -2.96
C PHE B 390 0.17 -28.34 -2.29
N GLU B 391 0.29 -28.41 -0.95
CA GLU B 391 0.02 -29.64 -0.21
C GLU B 391 -1.42 -30.15 -0.34
N ALA B 392 -2.37 -29.23 -0.22
CA ALA B 392 -3.77 -29.63 -0.13
C ALA B 392 -4.25 -30.39 -1.41
N PRO B 393 -4.07 -29.78 -2.58
CA PRO B 393 -4.48 -30.48 -3.80
C PRO B 393 -3.72 -31.80 -3.98
N LEU B 394 -2.49 -31.88 -3.46
CA LEU B 394 -1.67 -33.08 -3.65
C LEU B 394 -2.12 -34.27 -2.81
N VAL B 395 -2.82 -33.99 -1.71
CA VAL B 395 -3.32 -35.03 -0.86
C VAL B 395 -4.83 -35.20 -0.97
N ASN B 396 -5.50 -34.20 -1.53
CA ASN B 396 -6.95 -34.30 -1.61
C ASN B 396 -7.36 -35.47 -2.49
N GLU B 397 -8.29 -36.27 -2.00
CA GLU B 397 -8.82 -37.40 -2.75
C GLU B 397 -10.23 -37.16 -3.32
N ARG B 398 -10.76 -35.97 -3.09
CA ARG B 398 -12.14 -35.65 -3.45
C ARG B 398 -12.26 -34.80 -4.72
N ASP B 399 -11.14 -34.58 -5.40
CA ASP B 399 -11.11 -33.70 -6.54
C ASP B 399 -11.62 -32.29 -6.18
N ALA B 400 -11.29 -31.83 -4.97
CA ALA B 400 -11.66 -30.50 -4.49
C ALA B 400 -11.12 -29.40 -5.39
N ASP B 401 -11.95 -28.44 -5.74
CA ASP B 401 -11.43 -27.23 -6.38
C ASP B 401 -10.57 -26.48 -5.36
N VAL B 402 -9.69 -25.60 -5.84
CA VAL B 402 -8.99 -24.67 -4.96
C VAL B 402 -9.30 -23.20 -5.28
N ILE B 403 -9.83 -22.49 -4.31
CA ILE B 403 -9.88 -21.04 -4.44
C ILE B 403 -8.60 -20.41 -3.86
N LEU B 404 -7.81 -19.77 -4.72
CA LEU B 404 -6.51 -19.25 -4.34
C LEU B 404 -6.45 -17.72 -4.56
N SER B 405 -5.93 -16.98 -3.58
CA SER B 405 -5.82 -15.53 -3.77
C SER B 405 -4.71 -15.23 -4.73
N GLU B 406 -4.97 -14.27 -5.63
CA GLU B 406 -4.01 -13.81 -6.60
C GLU B 406 -2.79 -13.17 -5.91
N THR B 407 -2.90 -12.90 -4.60
CA THR B 407 -1.76 -12.26 -3.91
C THR B 407 -0.89 -13.21 -3.15
N CYS B 408 -1.12 -14.52 -3.22
CA CYS B 408 -0.14 -15.47 -2.69
C CYS B 408 0.99 -15.60 -3.73
N GLY B 409 2.24 -15.65 -3.28
CA GLY B 409 3.28 -16.01 -4.21
C GLY B 409 2.97 -17.27 -5.01
N ALA B 410 2.26 -18.22 -4.38
CA ALA B 410 1.97 -19.50 -5.03
C ALA B 410 1.10 -19.32 -6.31
N ALA B 411 0.37 -18.21 -6.40
CA ALA B 411 -0.46 -17.91 -7.55
C ALA B 411 0.39 -17.75 -8.80
N GLU B 412 1.67 -17.39 -8.68
CA GLU B 412 2.50 -17.27 -9.88
C GLU B 412 2.78 -18.65 -10.54
N VAL B 413 2.67 -19.72 -9.76
CA VAL B 413 2.86 -21.12 -10.25
C VAL B 413 1.51 -21.84 -10.49
N LEU B 414 0.54 -21.65 -9.60
CA LEU B 414 -0.70 -22.42 -9.62
C LEU B 414 -1.95 -21.64 -10.01
N GLY B 415 -1.82 -20.33 -10.16
CA GLY B 415 -3.00 -19.50 -10.32
C GLY B 415 -3.89 -19.92 -11.48
N GLU B 416 -3.26 -20.24 -12.60
CA GLU B 416 -3.98 -20.76 -13.76
C GLU B 416 -4.76 -22.04 -13.44
N TYR B 417 -4.29 -22.82 -12.47
CA TYR B 417 -4.84 -24.14 -12.21
C TYR B 417 -5.86 -24.13 -11.08
N CYS B 418 -6.15 -22.92 -10.60
CA CYS B 418 -7.06 -22.72 -9.49
C CYS B 418 -8.07 -21.67 -9.86
N ARG B 419 -9.02 -21.44 -8.97
CA ARG B 419 -9.88 -20.28 -9.11
C ARG B 419 -9.21 -19.11 -8.37
N SER B 420 -8.58 -18.26 -9.16
CA SER B 420 -7.79 -17.17 -8.64
C SER B 420 -8.70 -16.01 -8.38
N VAL B 421 -8.64 -15.45 -7.17
CA VAL B 421 -9.55 -14.40 -6.74
C VAL B 421 -8.85 -13.20 -6.11
N ASN B 422 -9.47 -12.03 -6.21
CA ASN B 422 -9.08 -10.85 -5.46
C ASN B 422 -9.54 -11.13 -4.03
N PRO B 423 -8.63 -11.22 -3.08
CA PRO B 423 -9.07 -11.63 -1.73
C PRO B 423 -9.91 -10.60 -0.98
N PHE B 424 -10.06 -9.39 -1.52
CA PHE B 424 -10.83 -8.33 -0.89
C PHE B 424 -12.28 -8.24 -1.41
N ASP B 425 -12.62 -8.97 -2.45
CA ASP B 425 -13.93 -8.88 -3.10
C ASP B 425 -14.79 -10.08 -2.64
N LEU B 426 -15.73 -9.81 -1.73
CA LEU B 426 -16.60 -10.85 -1.19
C LEU B 426 -17.50 -11.41 -2.29
N VAL B 427 -17.94 -10.53 -3.19
CA VAL B 427 -18.77 -10.98 -4.29
C VAL B 427 -18.04 -11.96 -5.20
N GLU B 428 -16.81 -11.62 -5.63
CA GLU B 428 -16.08 -12.49 -6.54
C GLU B 428 -15.83 -13.83 -5.85
N GLN B 429 -15.41 -13.77 -4.58
CA GLN B 429 -15.16 -14.99 -3.81
C GLN B 429 -16.44 -15.82 -3.57
N ALA B 430 -17.55 -15.17 -3.30
CA ALA B 430 -18.84 -15.91 -3.24
C ALA B 430 -19.13 -16.64 -4.56
N GLU B 431 -19.01 -15.94 -5.67
CA GLU B 431 -19.26 -16.56 -6.98
C GLU B 431 -18.36 -17.73 -7.27
N ALA B 432 -17.13 -17.66 -6.75
CA ALA B 432 -16.17 -18.72 -6.99
C ALA B 432 -16.52 -19.98 -6.19
N ILE B 433 -17.02 -19.75 -4.99
CA ILE B 433 -17.48 -20.81 -4.10
C ILE B 433 -18.71 -21.50 -4.72
N SER B 434 -19.66 -20.72 -5.23
CA SER B 434 -20.84 -21.32 -5.89
C SER B 434 -20.45 -22.10 -7.12
N ALA B 435 -19.61 -21.50 -7.96
CA ALA B 435 -19.18 -22.18 -9.19
C ALA B 435 -18.38 -23.46 -8.92
N ALA B 436 -17.46 -23.42 -7.95
CA ALA B 436 -16.60 -24.57 -7.62
C ALA B 436 -17.41 -25.78 -7.11
N LEU B 437 -18.47 -25.48 -6.39
CA LEU B 437 -19.36 -26.47 -5.84
C LEU B 437 -20.39 -26.93 -6.89
N ALA B 438 -20.74 -26.05 -7.83
CA ALA B 438 -21.71 -26.41 -8.88
C ALA B 438 -21.05 -27.33 -9.92
N ALA B 439 -19.73 -27.22 -10.03
CA ALA B 439 -18.97 -27.92 -11.06
C ALA B 439 -19.16 -29.46 -10.94
N GLY B 440 -19.23 -30.15 -12.08
CA GLY B 440 -19.51 -31.57 -12.07
C GLY B 440 -18.29 -32.42 -11.75
N PRO B 441 -18.51 -33.72 -11.46
CA PRO B 441 -17.41 -34.60 -11.04
C PRO B 441 -16.33 -34.77 -12.07
N ARG B 442 -16.69 -34.92 -13.33
CA ARG B 442 -15.72 -35.05 -14.41
C ARG B 442 -14.86 -33.80 -14.61
N GLN B 443 -15.49 -32.63 -14.57
CA GLN B 443 -14.75 -31.37 -14.73
C GLN B 443 -13.78 -31.15 -13.58
N ARG B 444 -14.25 -31.41 -12.35
CA ARG B 444 -13.40 -31.26 -11.18
C ARG B 444 -12.24 -32.24 -11.25
N ALA B 445 -12.56 -33.47 -11.66
CA ALA B 445 -11.55 -34.52 -11.71
C ALA B 445 -10.41 -34.13 -12.65
N GLU B 446 -10.76 -33.63 -13.83
CA GLU B 446 -9.77 -33.21 -14.81
C GLU B 446 -8.99 -31.97 -14.36
N ALA B 447 -9.65 -31.01 -13.71
CA ALA B 447 -8.97 -29.81 -13.24
C ALA B 447 -8.00 -30.13 -12.12
N ALA B 448 -8.40 -31.04 -11.24
CA ALA B 448 -7.55 -31.50 -10.14
C ALA B 448 -6.28 -32.24 -10.58
N ALA B 449 -6.39 -33.00 -11.66
CA ALA B 449 -5.21 -33.69 -12.19
C ALA B 449 -4.26 -32.67 -12.80
N ARG B 450 -4.79 -31.66 -13.49
CA ARG B 450 -3.94 -30.60 -14.01
C ARG B 450 -3.27 -29.85 -12.86
N ARG B 451 -4.04 -29.61 -11.80
CA ARG B 451 -3.61 -28.88 -10.62
C ARG B 451 -2.49 -29.61 -9.94
N ARG B 452 -2.68 -30.91 -9.71
CA ARG B 452 -1.65 -31.74 -9.11
C ARG B 452 -0.37 -31.77 -9.92
N ASP B 453 -0.51 -31.87 -11.25
CA ASP B 453 0.67 -31.90 -12.07
C ASP B 453 1.42 -30.56 -12.01
N ALA B 454 0.70 -29.44 -11.90
CA ALA B 454 1.38 -28.15 -11.80
C ALA B 454 2.10 -28.02 -10.43
N ALA B 455 1.47 -28.52 -9.38
CA ALA B 455 2.04 -28.46 -8.04
C ALA B 455 3.26 -29.39 -7.85
N ARG B 456 3.17 -30.61 -8.39
CA ARG B 456 4.08 -31.71 -8.01
C ARG B 456 5.60 -31.43 -8.09
N PRO B 457 6.06 -30.78 -9.17
CA PRO B 457 7.50 -30.53 -9.36
C PRO B 457 8.16 -29.62 -8.30
N TRP B 458 7.39 -28.75 -7.66
CA TRP B 458 7.96 -27.73 -6.76
C TRP B 458 8.31 -28.28 -5.36
N THR B 459 9.34 -29.11 -5.29
CA THR B 459 9.60 -29.84 -4.06
C THR B 459 10.63 -29.07 -3.27
N LEU B 460 10.64 -29.28 -1.96
CA LEU B 460 11.72 -28.77 -1.15
C LEU B 460 13.09 -28.99 -1.83
N GLU B 461 13.40 -30.22 -2.19
CA GLU B 461 14.69 -30.54 -2.78
C GLU B 461 15.04 -29.74 -4.05
N ALA B 462 14.09 -29.58 -4.96
CA ALA B 462 14.36 -28.77 -6.12
C ALA B 462 14.68 -27.32 -5.68
N TRP B 463 14.02 -26.88 -4.62
CA TRP B 463 14.17 -25.52 -4.13
C TRP B 463 15.60 -25.31 -3.60
N VAL B 464 16.08 -26.29 -2.82
CA VAL B 464 17.44 -26.26 -2.32
C VAL B 464 18.42 -26.27 -3.50
N GLN B 465 18.22 -27.17 -4.45
CA GLN B 465 19.04 -27.17 -5.64
C GLN B 465 19.03 -25.82 -6.35
N ALA B 466 17.85 -25.22 -6.48
CA ALA B 466 17.77 -23.90 -7.11
C ALA B 466 18.65 -22.90 -6.40
N GLN B 467 18.59 -22.85 -5.07
CA GLN B 467 19.47 -21.95 -4.31
C GLN B 467 20.96 -22.17 -4.57
N LEU B 468 21.41 -23.42 -4.48
CA LEU B 468 22.81 -23.76 -4.69
C LEU B 468 23.28 -23.36 -6.08
N ASP B 469 22.52 -23.72 -7.11
CA ASP B 469 22.89 -23.38 -8.47
C ASP B 469 22.86 -21.87 -8.71
N GLY B 470 21.82 -21.23 -8.22
CA GLY B 470 21.65 -19.81 -8.51
C GLY B 470 22.79 -19.08 -7.82
N LEU B 471 23.10 -19.48 -6.57
CA LEU B 471 24.20 -18.86 -5.85
C LEU B 471 25.53 -19.06 -6.58
N ALA B 472 25.83 -20.30 -6.94
CA ALA B 472 27.09 -20.61 -7.62
C ALA B 472 27.21 -19.72 -8.83
N ALA B 473 26.13 -19.64 -9.60
CA ALA B 473 26.17 -18.83 -10.81
C ALA B 473 26.33 -17.32 -10.52
N ASP B 474 25.75 -16.84 -9.44
CA ASP B 474 25.80 -15.39 -9.17
C ASP B 474 27.16 -15.07 -8.60
N HIS B 475 27.75 -16.04 -7.93
CA HIS B 475 29.08 -15.86 -7.37
C HIS B 475 30.13 -15.66 -8.49
N ALA B 476 30.07 -16.48 -9.53
CA ALA B 476 30.91 -16.29 -10.71
C ALA B 476 30.74 -14.90 -11.33
N ALA B 477 29.49 -14.49 -11.52
CA ALA B 477 29.23 -13.18 -12.09
C ALA B 477 29.80 -12.07 -11.20
N ARG B 478 29.61 -12.21 -9.89
CA ARG B 478 30.03 -11.15 -8.98
C ARG B 478 31.56 -11.12 -8.97
N THR B 479 32.15 -12.31 -9.03
CA THR B 479 33.59 -12.45 -9.00
C THR B 479 34.15 -11.85 -10.28
N ALA B 480 33.35 -11.91 -11.34
CA ALA B 480 33.82 -11.48 -12.64
C ALA B 480 33.70 -9.97 -12.85
N THR B 481 32.68 -9.36 -12.25
CA THR B 481 32.51 -7.93 -12.34
C THR B 481 33.03 -7.23 -11.08
#